data_4MQR
#
_entry.id   4MQR
#
_cell.length_a   63.130
_cell.length_b   66.480
_cell.length_c   203.680
_cell.angle_alpha   90.00
_cell.angle_beta   90.00
_cell.angle_gamma   90.00
#
_symmetry.space_group_name_H-M   'P 21 21 21'
#
loop_
_entity.id
_entity.type
_entity.pdbx_description
1 polymer 'Adenosylmethionine-8-amino-7-oxononanoate aminotransferase'
2 non-polymer '[(4Z)-5-hydroxy-6-methyl-4-{[(E)-(pyridin-4-ylcarbonyl)diazenyl]methylidene}-1,4-dihydropyridin-3-yl]methyl dihydrogen phosphate'
3 non-polymer 1,2-ETHANEDIOL
4 water water
#
_entity_poly.entity_id   1
_entity_poly.type   'polypeptide(L)'
_entity_poly.pdbx_seq_one_letter_code
;MGSSHHHHHHSSGLVPRGSHMAAATGGLTPEQIIAVDGAHLWHPYSSIGREAVSPVVAVAAHGAWLTLIRDGQPIEVLDA
MSSWWTAIHGHGHPALDQALTTQLRVMNHVMFGGLTHEPAARLAKLLVDITPAGLDTVFFSDSGSVSVEVAAKMALQYWR
GRGLPGKRRLMTWRGGYHGDTFLAMSICDPHGGMHSLWTDVLAAQVFAPQVPRDYDPAYSAAFEAQLAQHAGELAAVVVE
PVVQGAGGMRFHDPRYLHDLRDICRRYEVLLIFDEIATGFGRTGALFAADHAGVSPDIMCVGKALTGGYLSLAATLCTAD
VAHTISAGAAGALMHGPTFMANPLACAVSVASVELLLGQDWRTRITELAAGLTAGLDTARALPAVTDVRVCGAIGVIECD
RPVDLAVATPAALDRGVWLRPFRNLVYAMPPYICTPAEITQITSAMVEVARLVGSLP
;
_entity_poly.pdbx_strand_id   A,B
#
# COMPACT_ATOMS: atom_id res chain seq x y z
N LEU A 28 -8.40 -0.43 -26.63
CA LEU A 28 -9.14 -1.71 -26.44
C LEU A 28 -10.65 -1.52 -26.48
N THR A 29 -11.35 -2.33 -27.26
CA THR A 29 -12.82 -2.37 -27.21
C THR A 29 -13.25 -3.15 -25.96
N PRO A 30 -14.52 -3.01 -25.53
CA PRO A 30 -14.94 -3.83 -24.39
C PRO A 30 -14.65 -5.33 -24.55
N GLU A 31 -14.84 -5.86 -25.75
CA GLU A 31 -14.62 -7.30 -25.99
C GLU A 31 -13.15 -7.65 -25.80
N GLN A 32 -12.27 -6.80 -26.32
CA GLN A 32 -10.84 -6.97 -26.13
C GLN A 32 -10.45 -6.85 -24.66
N ILE A 33 -11.14 -5.98 -23.91
CA ILE A 33 -10.86 -5.79 -22.47
C ILE A 33 -11.17 -7.07 -21.71
N ILE A 34 -12.34 -7.64 -22.01
CA ILE A 34 -12.77 -8.92 -21.47
C ILE A 34 -11.74 -10.03 -21.77
N ALA A 35 -11.25 -10.04 -23.01
CA ALA A 35 -10.30 -11.06 -23.44
C ALA A 35 -8.96 -10.92 -22.70
N VAL A 36 -8.42 -9.70 -22.66
CA VAL A 36 -7.17 -9.46 -21.91
C VAL A 36 -7.36 -9.78 -20.43
N ASP A 37 -8.50 -9.39 -19.89
CA ASP A 37 -8.82 -9.60 -18.47
C ASP A 37 -8.88 -11.06 -18.01
N GLY A 38 -9.65 -11.90 -18.71
CA GLY A 38 -9.78 -13.31 -18.34
C GLY A 38 -8.47 -14.08 -18.45
N ALA A 39 -7.57 -13.57 -19.31
CA ALA A 39 -6.28 -14.20 -19.55
C ALA A 39 -5.24 -13.75 -18.51
N HIS A 40 -5.19 -12.46 -18.22
CA HIS A 40 -4.07 -11.87 -17.45
C HIS A 40 -4.35 -11.17 -16.15
N LEU A 41 -5.61 -10.90 -15.82
CA LEU A 41 -5.92 -10.13 -14.62
C LEU A 41 -6.41 -10.98 -13.46
N TRP A 42 -5.72 -10.88 -12.33
CA TRP A 42 -6.27 -11.35 -11.05
C TRP A 42 -7.22 -10.30 -10.53
N HIS A 43 -8.35 -10.73 -10.00
CA HIS A 43 -9.25 -9.83 -9.27
C HIS A 43 -9.22 -10.11 -7.78
N PRO A 44 -9.86 -9.25 -6.96
CA PRO A 44 -9.77 -9.48 -5.50
C PRO A 44 -10.38 -10.82 -5.13
N TYR A 45 -9.72 -11.60 -4.26
CA TYR A 45 -10.28 -12.87 -3.77
C TYR A 45 -10.77 -13.79 -4.90
N SER A 46 -10.09 -13.74 -6.04
CA SER A 46 -10.55 -14.46 -7.23
C SER A 46 -9.56 -15.52 -7.72
N SER A 47 -10.05 -16.34 -8.64
CA SER A 47 -9.24 -17.33 -9.33
C SER A 47 -8.82 -16.75 -10.66
N ILE A 48 -7.94 -17.48 -11.35
CA ILE A 48 -7.71 -17.25 -12.78
C ILE A 48 -8.37 -18.42 -13.50
N GLY A 49 -9.24 -18.09 -14.45
CA GLY A 49 -9.88 -19.08 -15.33
C GLY A 49 -11.07 -19.84 -14.76
N ARG A 50 -11.41 -19.60 -13.50
CA ARG A 50 -12.53 -20.31 -12.88
C ARG A 50 -13.63 -19.37 -12.40
N GLU A 51 -13.58 -18.12 -12.86
CA GLU A 51 -14.59 -17.12 -12.50
C GLU A 51 -15.98 -17.52 -12.98
N ALA A 52 -16.90 -17.71 -12.03
CA ALA A 52 -18.29 -18.10 -12.33
C ALA A 52 -19.01 -17.05 -13.18
N VAL A 53 -18.56 -15.80 -13.06
CA VAL A 53 -19.07 -14.68 -13.84
C VAL A 53 -17.88 -13.87 -14.39
N SER A 54 -18.01 -13.40 -15.63
CA SER A 54 -17.09 -12.41 -16.17
C SER A 54 -17.25 -11.07 -15.44
N PRO A 55 -16.16 -10.28 -15.35
CA PRO A 55 -16.33 -8.90 -14.91
C PRO A 55 -17.03 -8.07 -15.99
N VAL A 56 -17.71 -7.01 -15.56
CA VAL A 56 -18.42 -6.10 -16.45
C VAL A 56 -17.42 -4.97 -16.72
N VAL A 57 -17.28 -4.55 -17.98
CA VAL A 57 -16.40 -3.42 -18.32
C VAL A 57 -16.97 -2.08 -17.81
N ALA A 58 -16.17 -1.34 -17.05
CA ALA A 58 -16.57 -0.01 -16.64
C ALA A 58 -15.82 0.97 -17.52
N VAL A 59 -16.51 1.98 -18.04
CA VAL A 59 -15.88 2.88 -18.99
C VAL A 59 -15.93 4.32 -18.56
N ALA A 60 -16.73 4.60 -17.54
CA ALA A 60 -16.82 5.97 -17.03
C ALA A 60 -17.49 6.03 -15.67
N ALA A 61 -17.20 7.13 -14.97
CA ALA A 61 -17.80 7.36 -13.66
C ALA A 61 -17.97 8.86 -13.48
N HIS A 62 -19.20 9.28 -13.20
CA HIS A 62 -19.50 10.69 -12.99
C HIS A 62 -20.54 10.81 -11.91
N GLY A 63 -20.25 11.64 -10.91
CA GLY A 63 -21.08 11.74 -9.71
C GLY A 63 -21.31 10.37 -9.09
N ALA A 64 -22.57 10.06 -8.83
CA ALA A 64 -22.94 8.80 -8.19
C ALA A 64 -23.08 7.63 -9.18
N TRP A 65 -22.79 7.90 -10.44
CA TRP A 65 -23.09 7.00 -11.57
C TRP A 65 -21.90 6.39 -12.24
N LEU A 66 -22.00 5.08 -12.48
CA LEU A 66 -21.03 4.38 -13.34
C LEU A 66 -21.66 4.08 -14.70
N THR A 67 -20.86 4.20 -15.76
CA THR A 67 -21.25 3.73 -17.10
C THR A 67 -20.61 2.37 -17.31
N LEU A 68 -21.43 1.34 -17.43
CA LEU A 68 -20.99 -0.05 -17.62
C LEU A 68 -21.45 -0.58 -18.96
N ILE A 69 -20.69 -1.49 -19.53
CA ILE A 69 -21.09 -2.13 -20.79
C ILE A 69 -21.82 -3.44 -20.53
N ARG A 70 -23.06 -3.51 -20.95
CA ARG A 70 -23.86 -4.71 -20.77
C ARG A 70 -24.35 -5.07 -22.15
N ASP A 71 -24.11 -6.32 -22.57
CA ASP A 71 -24.54 -6.78 -23.89
C ASP A 71 -24.25 -5.75 -24.98
N GLY A 72 -23.00 -5.27 -25.01
CA GLY A 72 -22.52 -4.32 -26.02
C GLY A 72 -23.05 -2.90 -25.95
N GLN A 73 -23.89 -2.61 -24.95
CA GLN A 73 -24.47 -1.28 -24.81
C GLN A 73 -24.08 -0.65 -23.47
N PRO A 74 -23.65 0.62 -23.50
CA PRO A 74 -23.40 1.39 -22.27
C PRO A 74 -24.67 1.62 -21.48
N ILE A 75 -24.62 1.38 -20.17
CA ILE A 75 -25.74 1.65 -19.28
C ILE A 75 -25.24 2.46 -18.08
N GLU A 76 -26.12 3.29 -17.54
CA GLU A 76 -25.88 4.08 -16.34
C GLU A 76 -26.36 3.34 -15.08
N VAL A 77 -25.46 3.11 -14.12
CA VAL A 77 -25.84 2.47 -12.85
C VAL A 77 -25.31 3.23 -11.63
N LEU A 78 -26.12 3.27 -10.58
CA LEU A 78 -25.71 3.92 -9.33
C LEU A 78 -24.63 3.10 -8.58
N ASP A 79 -23.57 3.79 -8.19
CA ASP A 79 -22.51 3.23 -7.37
C ASP A 79 -22.97 3.10 -5.89
N ALA A 80 -23.83 2.13 -5.65
CA ALA A 80 -24.43 1.93 -4.34
C ALA A 80 -23.39 1.64 -3.26
N MET A 81 -22.25 1.10 -3.65
CA MET A 81 -21.21 0.73 -2.69
C MET A 81 -20.18 1.83 -2.50
N SER A 82 -20.31 2.91 -3.26
CA SER A 82 -19.29 3.98 -3.30
C SER A 82 -17.91 3.41 -3.61
N SER A 83 -17.84 2.45 -4.54
CA SER A 83 -16.60 1.75 -4.87
C SER A 83 -15.87 1.36 -3.59
N TRP A 84 -16.55 0.53 -2.80
CA TRP A 84 -16.09 0.11 -1.46
C TRP A 84 -15.77 1.23 -0.49
N TRP A 85 -16.80 1.99 -0.12
CA TRP A 85 -16.69 3.06 0.89
C TRP A 85 -15.89 4.27 0.47
N THR A 86 -15.35 4.30 -0.73
CA THR A 86 -14.37 5.36 -1.05
C THR A 86 -14.96 6.65 -1.59
N ALA A 87 -15.94 6.54 -2.48
CA ALA A 87 -16.37 7.70 -3.29
C ALA A 87 -17.44 8.54 -2.59
N ILE A 88 -17.11 9.13 -1.44
CA ILE A 88 -18.12 9.85 -0.63
C ILE A 88 -18.72 11.08 -1.32
N HIS A 89 -17.92 11.76 -2.14
CA HIS A 89 -18.34 12.91 -2.92
C HIS A 89 -18.71 12.59 -4.36
N GLY A 90 -18.90 11.30 -4.65
CA GLY A 90 -19.06 10.80 -5.99
C GLY A 90 -17.78 10.91 -6.80
N HIS A 91 -17.84 10.42 -8.04
CA HIS A 91 -16.68 10.37 -8.93
C HIS A 91 -16.59 11.66 -9.72
N GLY A 92 -15.39 12.10 -10.02
CA GLY A 92 -15.20 13.30 -10.84
C GLY A 92 -15.85 14.56 -10.30
N HIS A 93 -15.74 14.79 -9.00
CA HIS A 93 -16.22 16.03 -8.39
C HIS A 93 -15.28 17.14 -8.80
N PRO A 94 -15.82 18.28 -9.26
CA PRO A 94 -14.97 19.34 -9.81
C PRO A 94 -13.91 19.90 -8.86
N ALA A 95 -14.22 20.02 -7.56
CA ALA A 95 -13.27 20.49 -6.55
C ALA A 95 -12.07 19.53 -6.42
N LEU A 96 -12.36 18.24 -6.49
CA LEU A 96 -11.33 17.23 -6.29
C LEU A 96 -10.51 17.01 -7.56
N ASP A 97 -11.16 17.00 -8.73
CA ASP A 97 -10.43 16.93 -10.00
C ASP A 97 -9.47 18.09 -10.07
N GLN A 98 -9.95 19.28 -9.71
CA GLN A 98 -9.15 20.48 -9.83
C GLN A 98 -8.00 20.50 -8.81
N ALA A 99 -8.25 19.97 -7.61
CA ALA A 99 -7.18 19.90 -6.58
C ALA A 99 -6.03 19.03 -7.10
N LEU A 100 -6.39 17.89 -7.67
CA LEU A 100 -5.43 16.99 -8.31
C LEU A 100 -4.68 17.62 -9.49
N THR A 101 -5.38 18.26 -10.42
CA THR A 101 -4.68 18.87 -11.56
C THR A 101 -3.77 20.04 -11.13
N THR A 102 -4.19 20.80 -10.11
CA THR A 102 -3.38 21.87 -9.54
C THR A 102 -2.05 21.32 -8.97
N GLN A 103 -2.12 20.28 -8.15
CA GLN A 103 -0.89 19.67 -7.61
C GLN A 103 0.00 19.14 -8.73
N LEU A 104 -0.62 18.45 -9.68
CA LEU A 104 0.08 17.86 -10.83
C LEU A 104 0.89 18.89 -11.62
N ARG A 105 0.41 20.12 -11.64
CA ARG A 105 1.05 21.21 -12.37
C ARG A 105 2.32 21.64 -11.65
N VAL A 106 2.29 21.56 -10.31
CA VAL A 106 3.34 22.05 -9.43
C VAL A 106 4.41 20.98 -9.05
N MET A 107 3.96 19.81 -8.61
CA MET A 107 4.85 18.74 -8.11
C MET A 107 4.10 17.42 -7.97
N ASN A 108 4.33 16.50 -8.92
CA ASN A 108 3.69 15.18 -8.85
C ASN A 108 4.01 14.37 -7.58
N HIS A 109 5.29 14.37 -7.19
CA HIS A 109 5.81 13.56 -6.08
C HIS A 109 7.25 13.90 -5.85
N VAL A 110 7.65 13.99 -4.57
CA VAL A 110 9.06 13.93 -4.11
C VAL A 110 9.21 12.91 -2.97
N MET A 111 10.42 12.42 -2.77
CA MET A 111 10.75 11.56 -1.62
C MET A 111 10.51 12.31 -0.30
N PHE A 112 9.93 11.61 0.67
CA PHE A 112 9.63 12.20 1.99
C PHE A 112 10.78 12.08 3.00
N GLY A 113 11.93 11.55 2.55
CA GLY A 113 13.14 11.44 3.41
C GLY A 113 14.00 12.68 3.27
N GLY A 114 14.11 13.48 4.32
CA GLY A 114 14.89 14.73 4.26
C GLY A 114 14.09 15.92 3.70
N LEU A 115 12.88 15.64 3.22
CA LEU A 115 12.07 16.65 2.54
C LEU A 115 10.64 16.66 3.05
N THR A 116 10.04 17.85 3.05
CA THR A 116 8.62 17.95 3.40
C THR A 116 7.93 18.81 2.34
N HIS A 117 6.61 18.87 2.37
CA HIS A 117 5.89 19.67 1.38
C HIS A 117 4.52 20.08 1.86
N GLU A 118 3.95 21.06 1.16
CA GLU A 118 2.65 21.63 1.54
C GLU A 118 1.46 20.66 1.58
N PRO A 119 1.33 19.78 0.56
CA PRO A 119 0.19 18.86 0.68
C PRO A 119 0.19 18.01 1.95
N ALA A 120 1.36 17.49 2.34
CA ALA A 120 1.50 16.65 3.54
C ALA A 120 1.16 17.43 4.82
N ALA A 121 1.71 18.64 4.93
CA ALA A 121 1.52 19.52 6.09
C ALA A 121 0.06 19.92 6.24
N ARG A 122 -0.54 20.36 5.14
CA ARG A 122 -1.95 20.72 5.10
C ARG A 122 -2.83 19.53 5.55
N LEU A 123 -2.59 18.35 4.99
CA LEU A 123 -3.42 17.18 5.33
C LEU A 123 -3.22 16.73 6.79
N ALA A 124 -1.97 16.73 7.25
CA ALA A 124 -1.66 16.39 8.63
C ALA A 124 -2.32 17.40 9.59
N LYS A 125 -2.22 18.69 9.25
CA LYS A 125 -2.82 19.73 10.09
C LYS A 125 -4.30 19.45 10.23
N LEU A 126 -4.97 19.25 9.09
CA LEU A 126 -6.39 18.90 9.05
C LEU A 126 -6.75 17.66 9.83
N LEU A 127 -5.94 16.60 9.71
CA LEU A 127 -6.28 15.33 10.34
C LEU A 127 -6.11 15.40 11.84
N VAL A 128 -5.09 16.09 12.33
CA VAL A 128 -4.95 16.24 13.79
C VAL A 128 -6.07 17.09 14.41
N ASP A 129 -6.65 18.01 13.62
N ASP A 129 -6.64 18.01 13.64
CA ASP A 129 -7.71 18.89 14.09
CA ASP A 129 -7.72 18.84 14.18
C ASP A 129 -9.08 18.21 14.19
C ASP A 129 -9.05 18.09 14.29
N ILE A 130 -9.34 17.25 13.30
CA ILE A 130 -10.67 16.64 13.21
C ILE A 130 -10.81 15.27 13.85
N THR A 131 -9.68 14.59 14.09
CA THR A 131 -9.71 13.25 14.70
C THR A 131 -9.94 13.41 16.23
N PRO A 132 -10.35 12.33 16.93
CA PRO A 132 -10.51 12.38 18.39
C PRO A 132 -9.32 13.03 19.07
N ALA A 133 -9.59 13.76 20.16
CA ALA A 133 -8.60 14.58 20.84
C ALA A 133 -7.35 13.78 21.22
N GLY A 134 -6.18 14.41 21.11
CA GLY A 134 -4.93 13.80 21.53
C GLY A 134 -4.17 13.05 20.43
N LEU A 135 -4.74 12.94 19.23
CA LEU A 135 -4.01 12.33 18.12
C LEU A 135 -3.20 13.39 17.37
N ASP A 136 -1.92 13.52 17.74
CA ASP A 136 -1.08 14.68 17.36
C ASP A 136 -0.07 14.42 16.24
N THR A 137 0.19 13.16 15.94
CA THR A 137 1.16 12.82 14.92
C THR A 137 0.56 11.93 13.85
N VAL A 138 1.13 12.02 12.65
CA VAL A 138 0.50 11.46 11.47
C VAL A 138 1.55 10.75 10.63
N PHE A 139 1.33 9.46 10.41
CA PHE A 139 2.19 8.68 9.52
C PHE A 139 1.43 8.27 8.25
N PHE A 140 1.83 8.84 7.13
CA PHE A 140 1.22 8.49 5.83
C PHE A 140 1.78 7.22 5.19
N SER A 141 0.88 6.34 4.75
CA SER A 141 1.25 5.19 3.94
C SER A 141 0.35 5.08 2.69
N ASP A 142 0.44 3.96 1.97
CA ASP A 142 -0.25 3.86 0.68
C ASP A 142 -1.52 3.02 0.71
N SER A 143 -1.81 2.36 1.83
CA SER A 143 -3.03 1.54 1.88
C SER A 143 -3.48 1.22 3.29
N GLY A 144 -4.71 0.75 3.41
CA GLY A 144 -5.29 0.39 4.69
C GLY A 144 -4.48 -0.65 5.47
N SER A 145 -4.10 -1.74 4.78
CA SER A 145 -3.33 -2.84 5.38
C SER A 145 -2.00 -2.37 5.92
N VAL A 146 -1.32 -1.52 5.15
CA VAL A 146 -0.07 -0.93 5.63
C VAL A 146 -0.31 -0.08 6.86
N SER A 147 -1.29 0.83 6.83
CA SER A 147 -1.54 1.68 7.99
C SER A 147 -1.83 0.85 9.25
N VAL A 148 -2.49 -0.29 9.08
CA VAL A 148 -2.72 -1.21 10.20
C VAL A 148 -1.41 -1.83 10.75
N GLU A 149 -0.52 -2.26 9.84
CA GLU A 149 0.79 -2.78 10.23
C GLU A 149 1.61 -1.67 10.90
N VAL A 150 1.47 -0.44 10.42
CA VAL A 150 2.13 0.72 11.02
C VAL A 150 1.63 0.97 12.45
N ALA A 151 0.31 0.87 12.66
CA ALA A 151 -0.32 0.96 13.99
C ALA A 151 0.23 -0.09 14.98
N ALA A 152 0.26 -1.35 14.55
CA ALA A 152 0.84 -2.46 15.34
C ALA A 152 2.32 -2.23 15.66
N LYS A 153 3.09 -1.79 14.65
CA LYS A 153 4.49 -1.47 14.84
C LYS A 153 4.67 -0.41 15.90
N MET A 154 3.83 0.63 15.83
CA MET A 154 3.85 1.76 16.76
C MET A 154 3.65 1.23 18.17
N ALA A 155 2.67 0.36 18.34
CA ALA A 155 2.35 -0.24 19.61
C ALA A 155 3.52 -1.10 20.09
N LEU A 156 4.10 -1.89 19.18
CA LEU A 156 5.22 -2.79 19.56
C LEU A 156 6.44 -2.00 19.99
N GLN A 157 6.80 -1.01 19.20
CA GLN A 157 7.90 -0.13 19.53
C GLN A 157 7.66 0.71 20.78
N TYR A 158 6.39 1.03 21.06
CA TYR A 158 6.06 1.80 22.28
C TYR A 158 6.49 1.03 23.53
N TRP A 159 6.03 -0.21 23.64
CA TRP A 159 6.30 -1.03 24.80
C TRP A 159 7.75 -1.45 24.92
N ARG A 160 8.42 -1.63 23.78
CA ARG A 160 9.88 -1.79 23.79
C ARG A 160 10.57 -0.55 24.37
N GLY A 161 10.08 0.63 24.00
CA GLY A 161 10.60 1.89 24.54
C GLY A 161 10.33 2.04 26.04
N ARG A 162 9.35 1.31 26.56
CA ARG A 162 9.01 1.37 28.01
C ARG A 162 9.74 0.28 28.78
N GLY A 163 10.58 -0.46 28.07
CA GLY A 163 11.32 -1.57 28.66
C GLY A 163 10.48 -2.82 28.87
N LEU A 164 9.38 -2.94 28.13
CA LEU A 164 8.51 -4.11 28.26
C LEU A 164 8.30 -4.80 26.89
N PRO A 165 9.38 -5.40 26.33
CA PRO A 165 9.28 -6.04 25.01
C PRO A 165 8.39 -7.27 25.03
N GLY A 166 7.98 -7.72 26.21
CA GLY A 166 6.97 -8.80 26.33
C GLY A 166 5.55 -8.43 25.89
N LYS A 167 5.29 -7.14 25.77
CA LYS A 167 3.96 -6.66 25.39
C LYS A 167 3.93 -6.59 23.88
N ARG A 168 3.58 -7.71 23.27
CA ARG A 168 3.76 -7.84 21.84
C ARG A 168 2.62 -8.54 21.11
N ARG A 169 1.64 -9.02 21.86
CA ARG A 169 0.49 -9.63 21.24
C ARG A 169 -0.63 -8.59 21.03
N LEU A 170 -1.58 -8.92 20.16
CA LEU A 170 -2.71 -8.04 19.94
C LEU A 170 -3.95 -8.78 20.41
N MET A 171 -4.96 -8.03 20.81
CA MET A 171 -6.25 -8.59 21.19
C MET A 171 -7.34 -7.82 20.43
N THR A 172 -8.40 -8.54 20.06
CA THR A 172 -9.53 -7.94 19.38
C THR A 172 -10.77 -8.79 19.66
N TRP A 173 -11.91 -8.40 19.09
CA TRP A 173 -13.11 -9.22 19.12
C TRP A 173 -13.36 -9.84 17.78
N ARG A 174 -14.12 -10.94 17.76
CA ARG A 174 -14.46 -11.63 16.52
C ARG A 174 -15.25 -10.75 15.54
N GLY A 175 -15.27 -11.14 14.26
CA GLY A 175 -16.08 -10.45 13.24
C GLY A 175 -15.38 -9.29 12.55
N GLY A 176 -14.10 -9.08 12.88
CA GLY A 176 -13.35 -7.93 12.38
C GLY A 176 -12.62 -8.16 11.07
N TYR A 177 -12.13 -7.08 10.47
CA TYR A 177 -11.33 -7.15 9.27
C TYR A 177 -10.42 -5.93 9.24
N HIS A 178 -9.15 -6.16 8.97
CA HIS A 178 -8.16 -5.08 9.02
C HIS A 178 -7.19 -5.16 7.87
N GLY A 179 -7.48 -6.02 6.90
CA GLY A 179 -6.64 -6.12 5.71
C GLY A 179 -6.05 -7.48 5.45
N ASP A 180 -5.20 -7.55 4.43
CA ASP A 180 -4.77 -8.81 3.84
C ASP A 180 -3.28 -9.08 3.98
N THR A 181 -2.50 -8.08 4.39
CA THR A 181 -1.10 -8.36 4.66
C THR A 181 -1.04 -9.27 5.89
N PHE A 182 0.11 -9.89 6.14
CA PHE A 182 0.17 -11.00 7.09
C PHE A 182 -0.12 -10.64 8.55
N LEU A 183 0.38 -9.50 9.00
CA LEU A 183 0.02 -9.04 10.35
C LEU A 183 -1.46 -8.61 10.46
N ALA A 184 -1.90 -7.74 9.56
CA ALA A 184 -3.33 -7.39 9.48
C ALA A 184 -4.24 -8.62 9.51
N MET A 185 -3.82 -9.68 8.79
CA MET A 185 -4.59 -10.94 8.73
C MET A 185 -4.74 -11.59 10.10
N SER A 186 -3.74 -11.44 10.98
CA SER A 186 -3.74 -12.11 12.30
C SER A 186 -4.87 -11.64 13.21
N ILE A 187 -5.39 -10.44 12.95
CA ILE A 187 -6.52 -9.90 13.70
C ILE A 187 -7.87 -9.92 12.95
N CYS A 188 -7.87 -10.46 11.72
N CYS A 188 -7.89 -10.41 11.71
CA CYS A 188 -9.11 -10.75 10.99
CA CYS A 188 -9.15 -10.57 11.02
C CYS A 188 -9.84 -11.82 11.76
C CYS A 188 -9.83 -11.82 11.62
N ASP A 189 -11.16 -11.86 11.60
CA ASP A 189 -11.96 -12.94 12.20
C ASP A 189 -11.44 -14.28 11.72
N PRO A 190 -11.20 -15.24 12.64
CA PRO A 190 -10.65 -16.52 12.18
C PRO A 190 -11.51 -17.33 11.17
N HIS A 191 -12.83 -17.08 11.11
CA HIS A 191 -13.70 -17.67 10.07
C HIS A 191 -14.47 -16.68 9.20
N GLY A 192 -13.82 -15.73 8.52
CA GLY A 192 -12.39 -15.60 8.40
C GLY A 192 -11.98 -15.29 6.99
N GLY A 193 -10.67 -15.23 6.77
CA GLY A 193 -10.13 -15.12 5.42
C GLY A 193 -8.67 -15.55 5.32
N MET A 194 -8.33 -16.74 5.81
CA MET A 194 -9.21 -17.72 6.46
C MET A 194 -8.30 -18.59 7.31
N HIS A 195 -8.20 -18.24 8.59
CA HIS A 195 -7.15 -18.76 9.50
C HIS A 195 -6.90 -20.25 9.46
N SER A 196 -7.95 -21.05 9.25
CA SER A 196 -7.79 -22.51 9.11
C SER A 196 -6.84 -22.85 7.96
N LEU A 197 -7.02 -22.17 6.83
CA LEU A 197 -6.15 -22.31 5.68
C LEU A 197 -4.82 -21.58 5.91
N TRP A 198 -4.84 -20.61 6.83
CA TRP A 198 -3.61 -19.91 7.22
C TRP A 198 -3.09 -20.38 8.55
N THR A 199 -3.22 -19.55 9.60
CA THR A 199 -2.63 -19.84 10.93
C THR A 199 -1.14 -20.21 10.73
N ASP A 200 -0.50 -20.90 11.68
CA ASP A 200 0.88 -21.41 11.54
C ASP A 200 1.89 -20.50 10.83
N VAL A 201 1.41 -19.68 9.90
CA VAL A 201 2.16 -18.51 9.40
C VAL A 201 1.61 -17.22 10.02
N LEU A 202 0.42 -17.28 10.61
CA LEU A 202 -0.17 -16.09 11.22
C LEU A 202 0.26 -16.01 12.69
N ALA A 203 0.63 -14.82 13.15
CA ALA A 203 0.86 -14.63 14.60
C ALA A 203 -0.43 -14.99 15.32
N ALA A 204 -0.33 -15.56 16.51
CA ALA A 204 -1.53 -15.99 17.22
C ALA A 204 -1.99 -14.89 18.18
N GLN A 205 -3.11 -14.25 17.82
CA GLN A 205 -3.61 -13.12 18.60
C GLN A 205 -4.71 -13.57 19.58
N VAL A 206 -5.19 -12.64 20.42
CA VAL A 206 -6.23 -12.96 21.41
C VAL A 206 -7.61 -12.51 20.91
N PHE A 207 -8.58 -13.42 20.93
CA PHE A 207 -9.91 -13.11 20.42
C PHE A 207 -11.00 -13.19 21.48
N ALA A 208 -11.64 -12.05 21.73
CA ALA A 208 -12.85 -12.02 22.54
C ALA A 208 -14.00 -12.45 21.65
N PRO A 209 -15.11 -12.96 22.24
CA PRO A 209 -16.26 -13.38 21.41
C PRO A 209 -16.81 -12.21 20.57
N GLN A 210 -17.66 -12.51 19.60
CA GLN A 210 -18.28 -11.48 18.77
C GLN A 210 -18.97 -10.40 19.62
N VAL A 211 -18.67 -9.11 19.37
CA VAL A 211 -19.35 -8.04 20.12
C VAL A 211 -20.83 -7.96 19.72
N PRO A 212 -21.76 -8.07 20.69
CA PRO A 212 -23.16 -8.13 20.26
C PRO A 212 -23.70 -6.75 19.88
N ARG A 213 -24.89 -6.71 19.29
CA ARG A 213 -25.45 -5.45 18.82
C ARG A 213 -25.85 -4.53 19.97
N ASP A 214 -26.69 -5.06 20.85
CA ASP A 214 -27.20 -4.30 22.00
C ASP A 214 -26.21 -4.34 23.15
N TYR A 215 -26.19 -3.28 23.95
CA TYR A 215 -25.26 -3.19 25.07
C TYR A 215 -25.57 -4.25 26.12
N ASP A 216 -24.55 -4.99 26.51
CA ASP A 216 -24.67 -6.00 27.54
C ASP A 216 -23.46 -5.89 28.47
N PRO A 217 -23.69 -5.49 29.73
CA PRO A 217 -22.56 -5.31 30.67
C PRO A 217 -21.70 -6.57 30.85
N ALA A 218 -22.32 -7.75 30.83
CA ALA A 218 -21.59 -9.02 30.99
C ALA A 218 -20.60 -9.26 29.84
N TYR A 219 -20.90 -8.75 28.65
CA TYR A 219 -19.92 -8.85 27.57
C TYR A 219 -18.64 -8.07 27.93
N SER A 220 -18.79 -6.84 28.40
CA SER A 220 -17.61 -6.03 28.75
C SER A 220 -16.86 -6.59 29.97
N ALA A 221 -17.59 -7.16 30.92
CA ALA A 221 -16.96 -7.80 32.10
C ALA A 221 -16.07 -8.96 31.65
N ALA A 222 -16.59 -9.81 30.76
CA ALA A 222 -15.82 -10.93 30.24
C ALA A 222 -14.64 -10.48 29.37
N PHE A 223 -14.80 -9.40 28.60
CA PHE A 223 -13.69 -8.86 27.81
C PHE A 223 -12.56 -8.44 28.74
N GLU A 224 -12.92 -7.69 29.78
CA GLU A 224 -11.95 -7.29 30.80
C GLU A 224 -11.26 -8.50 31.43
N ALA A 225 -12.05 -9.53 31.76
CA ALA A 225 -11.50 -10.72 32.44
C ALA A 225 -10.53 -11.47 31.53
N GLN A 226 -10.86 -11.55 30.24
CA GLN A 226 -9.97 -12.18 29.28
C GLN A 226 -8.70 -11.36 29.08
N LEU A 227 -8.85 -10.04 28.94
CA LEU A 227 -7.70 -9.14 28.77
C LEU A 227 -6.78 -9.17 30.01
N ALA A 228 -7.38 -9.20 31.19
CA ALA A 228 -6.63 -9.26 32.45
C ALA A 228 -5.60 -10.40 32.43
N GLN A 229 -6.00 -11.58 31.96
CA GLN A 229 -5.07 -12.71 31.93
C GLN A 229 -4.08 -12.75 30.77
N HIS A 230 -4.03 -11.68 29.98
CA HIS A 230 -3.03 -11.54 28.92
C HIS A 230 -2.38 -10.20 28.98
N ALA A 231 -2.70 -9.41 30.00
CA ALA A 231 -2.28 -8.01 30.04
C ALA A 231 -0.77 -7.79 29.89
N GLY A 232 0.02 -8.66 30.51
CA GLY A 232 1.49 -8.57 30.47
C GLY A 232 2.12 -8.91 29.13
N GLU A 233 1.34 -9.52 28.24
CA GLU A 233 1.81 -9.86 26.88
C GLU A 233 1.09 -9.09 25.76
N LEU A 234 0.11 -8.28 26.12
CA LEU A 234 -0.63 -7.46 25.15
C LEU A 234 -0.05 -6.07 24.94
N ALA A 235 0.27 -5.76 23.69
CA ALA A 235 0.66 -4.43 23.29
C ALA A 235 -0.59 -3.54 23.07
N ALA A 236 -1.67 -4.13 22.55
CA ALA A 236 -2.85 -3.34 22.19
C ALA A 236 -4.08 -4.15 21.91
N VAL A 237 -5.22 -3.51 22.17
CA VAL A 237 -6.53 -3.89 21.65
C VAL A 237 -6.70 -3.10 20.35
N VAL A 238 -7.15 -3.79 19.29
CA VAL A 238 -7.41 -3.16 17.97
C VAL A 238 -8.82 -3.53 17.56
N VAL A 239 -9.68 -2.55 17.29
CA VAL A 239 -11.05 -2.86 16.83
C VAL A 239 -11.51 -1.89 15.74
N GLU A 240 -12.49 -2.31 14.95
CA GLU A 240 -13.27 -1.33 14.18
C GLU A 240 -14.36 -0.74 15.11
N PRO A 241 -14.40 0.59 15.27
CA PRO A 241 -15.44 1.13 16.16
C PRO A 241 -16.84 1.28 15.55
N VAL A 242 -17.83 0.75 16.26
CA VAL A 242 -19.27 0.93 15.97
C VAL A 242 -19.77 0.06 14.81
N VAL A 243 -19.09 0.15 13.68
CA VAL A 243 -19.41 -0.71 12.52
C VAL A 243 -18.24 -1.62 12.12
N GLN A 244 -18.48 -2.93 12.11
CA GLN A 244 -17.55 -3.89 11.53
C GLN A 244 -17.96 -4.07 10.07
N GLY A 245 -17.11 -3.63 9.13
CA GLY A 245 -17.42 -3.64 7.70
C GLY A 245 -17.32 -5.01 7.04
N ALA A 246 -16.15 -5.28 6.46
CA ALA A 246 -15.98 -6.42 5.56
C ALA A 246 -16.15 -7.78 6.24
N GLY A 247 -16.09 -7.80 7.57
CA GLY A 247 -16.29 -9.03 8.33
C GLY A 247 -17.74 -9.43 8.57
N GLY A 248 -18.67 -8.55 8.23
CA GLY A 248 -20.08 -8.89 8.44
C GLY A 248 -21.08 -7.74 8.52
N MET A 249 -20.65 -6.52 8.25
CA MET A 249 -21.54 -5.36 8.32
C MET A 249 -22.38 -5.38 9.59
N ARG A 250 -21.71 -5.58 10.73
CA ARG A 250 -22.35 -5.63 12.03
C ARG A 250 -22.16 -4.31 12.72
N PHE A 251 -23.20 -3.89 13.46
CA PHE A 251 -23.15 -2.68 14.26
C PHE A 251 -23.11 -3.10 15.73
N HIS A 252 -22.42 -2.31 16.55
CA HIS A 252 -22.54 -2.50 17.97
C HIS A 252 -22.70 -1.20 18.70
N ASP A 253 -23.24 -1.29 19.92
CA ASP A 253 -23.46 -0.12 20.78
C ASP A 253 -22.17 0.65 21.11
N PRO A 254 -22.15 1.96 20.86
CA PRO A 254 -20.91 2.71 21.13
C PRO A 254 -20.44 2.74 22.58
N ARG A 255 -21.29 2.34 23.53
CA ARG A 255 -20.85 2.30 24.93
C ARG A 255 -19.74 1.26 25.15
N TYR A 256 -19.77 0.16 24.40
CA TYR A 256 -18.65 -0.80 24.36
C TYR A 256 -17.29 -0.12 24.16
N LEU A 257 -17.23 0.98 23.42
CA LEU A 257 -15.96 1.68 23.18
C LEU A 257 -15.52 2.42 24.42
N HIS A 258 -16.49 2.96 25.14
CA HIS A 258 -16.23 3.53 26.45
C HIS A 258 -15.66 2.49 27.37
N ASP A 259 -16.22 1.29 27.34
CA ASP A 259 -15.72 0.19 28.18
C ASP A 259 -14.30 -0.22 27.80
N LEU A 260 -14.03 -0.31 26.49
CA LEU A 260 -12.71 -0.62 25.97
C LEU A 260 -11.65 0.40 26.36
N ARG A 261 -12.02 1.68 26.33
CA ARG A 261 -11.08 2.74 26.70
C ARG A 261 -10.73 2.66 28.20
N ASP A 262 -11.73 2.35 29.02
CA ASP A 262 -11.58 2.24 30.47
C ASP A 262 -10.70 1.01 30.80
N ILE A 263 -11.08 -0.14 30.25
CA ILE A 263 -10.30 -1.37 30.41
C ILE A 263 -8.83 -1.16 30.00
N CYS A 264 -8.62 -0.56 28.83
CA CYS A 264 -7.27 -0.35 28.32
C CYS A 264 -6.46 0.57 29.22
N ARG A 265 -7.09 1.64 29.69
CA ARG A 265 -6.41 2.54 30.63
C ARG A 265 -6.03 1.82 31.92
N ARG A 266 -6.94 1.04 32.50
CA ARG A 266 -6.65 0.41 33.79
C ARG A 266 -5.58 -0.68 33.68
N TYR A 267 -5.56 -1.42 32.58
CA TYR A 267 -4.61 -2.52 32.43
C TYR A 267 -3.39 -2.15 31.60
N GLU A 268 -3.31 -0.90 31.18
CA GLU A 268 -2.14 -0.40 30.48
C GLU A 268 -1.84 -1.20 29.19
N VAL A 269 -2.88 -1.30 28.35
CA VAL A 269 -2.82 -1.85 27.00
C VAL A 269 -3.24 -0.70 26.10
N LEU A 270 -2.51 -0.42 25.02
CA LEU A 270 -2.93 0.67 24.11
C LEU A 270 -4.22 0.31 23.41
N LEU A 271 -4.97 1.32 22.96
CA LEU A 271 -6.22 1.10 22.23
C LEU A 271 -6.06 1.61 20.81
N ILE A 272 -6.39 0.77 19.84
CA ILE A 272 -6.25 1.13 18.43
C ILE A 272 -7.62 1.07 17.77
N PHE A 273 -8.05 2.17 17.16
CA PHE A 273 -9.28 2.15 16.36
C PHE A 273 -8.96 2.13 14.87
N ASP A 274 -9.45 1.10 14.20
CA ASP A 274 -9.31 1.03 12.74
C ASP A 274 -10.53 1.75 12.16
N GLU A 275 -10.33 3.00 11.74
CA GLU A 275 -11.46 3.76 11.19
C GLU A 275 -11.38 3.86 9.66
N ILE A 276 -10.78 2.86 9.01
CA ILE A 276 -10.57 2.90 7.54
C ILE A 276 -11.91 2.88 6.79
N ALA A 277 -12.88 2.15 7.32
CA ALA A 277 -14.21 2.07 6.74
C ALA A 277 -15.19 3.08 7.39
N THR A 278 -15.00 3.32 8.68
CA THR A 278 -15.97 4.14 9.42
C THR A 278 -15.72 5.65 9.33
N GLY A 279 -14.54 6.06 8.87
CA GLY A 279 -14.16 7.48 8.94
C GLY A 279 -14.95 8.45 8.06
N PHE A 280 -14.73 9.74 8.26
CA PHE A 280 -15.21 10.81 7.37
C PHE A 280 -16.73 10.87 7.14
N GLY A 281 -17.48 10.69 8.23
CA GLY A 281 -18.90 10.99 8.27
C GLY A 281 -19.83 9.80 8.16
N ARG A 282 -19.28 8.65 7.75
CA ARG A 282 -20.06 7.55 7.22
C ARG A 282 -21.06 6.92 8.19
N THR A 283 -20.75 6.91 9.48
CA THR A 283 -21.66 6.32 10.45
C THR A 283 -22.54 7.34 11.14
N GLY A 284 -22.43 8.60 10.73
CA GLY A 284 -23.33 9.64 11.21
C GLY A 284 -22.62 10.59 12.15
N ALA A 285 -21.43 10.19 12.60
CA ALA A 285 -20.52 11.12 13.25
C ALA A 285 -19.29 11.26 12.36
N LEU A 286 -18.48 12.29 12.60
CA LEU A 286 -17.29 12.51 11.78
C LEU A 286 -16.36 11.29 11.77
N PHE A 287 -16.04 10.81 12.96
CA PHE A 287 -15.38 9.52 13.15
C PHE A 287 -16.24 8.71 14.10
N ALA A 288 -16.30 7.40 13.91
CA ALA A 288 -17.20 6.59 14.73
C ALA A 288 -16.86 6.60 16.24
N ALA A 289 -15.60 6.87 16.58
CA ALA A 289 -15.18 7.00 17.99
C ALA A 289 -15.98 8.13 18.67
N ASP A 290 -16.41 9.12 17.89
CA ASP A 290 -17.21 10.25 18.38
C ASP A 290 -18.55 9.86 18.94
N HIS A 291 -19.14 8.76 18.48
CA HIS A 291 -20.42 8.30 19.04
C HIS A 291 -20.28 8.03 20.51
N ALA A 292 -19.06 7.74 20.96
CA ALA A 292 -18.82 7.42 22.38
C ALA A 292 -17.98 8.47 23.08
N GLY A 293 -17.57 9.50 22.37
CA GLY A 293 -16.62 10.47 22.90
C GLY A 293 -15.24 9.91 23.25
N VAL A 294 -14.85 8.76 22.70
CA VAL A 294 -13.57 8.11 23.09
C VAL A 294 -12.39 8.46 22.16
N SER A 295 -11.21 8.64 22.74
CA SER A 295 -9.97 8.84 21.98
C SER A 295 -9.12 7.59 22.09
N PRO A 296 -8.73 6.99 20.94
CA PRO A 296 -7.83 5.86 21.04
C PRO A 296 -6.44 6.40 21.19
N ASP A 297 -5.47 5.53 21.49
CA ASP A 297 -4.06 5.92 21.48
C ASP A 297 -3.52 6.02 20.05
N ILE A 298 -4.04 5.14 19.20
CA ILE A 298 -3.62 5.00 17.79
C ILE A 298 -4.86 4.87 16.91
N MET A 299 -4.83 5.52 15.74
CA MET A 299 -5.97 5.44 14.82
C MET A 299 -5.55 5.27 13.37
N CYS A 300 -6.25 4.38 12.65
CA CYS A 300 -6.04 4.25 11.19
C CYS A 300 -7.21 4.88 10.42
N VAL A 301 -6.85 5.64 9.37
CA VAL A 301 -7.83 6.17 8.40
C VAL A 301 -7.45 5.78 6.95
N GLY A 302 -8.43 5.81 6.04
CA GLY A 302 -8.15 5.44 4.63
C GLY A 302 -9.40 5.58 3.80
N LYS A 303 -9.50 4.80 2.71
CA LYS A 303 -10.72 4.75 1.89
C LYS A 303 -11.27 6.15 1.57
N ALA A 304 -12.25 6.63 2.34
CA ALA A 304 -12.91 7.93 2.05
C ALA A 304 -11.97 9.12 2.14
N LEU A 305 -10.80 8.88 2.74
CA LEU A 305 -9.79 9.91 2.95
C LEU A 305 -9.48 10.68 1.67
N THR A 306 -9.29 9.98 0.55
CA THR A 306 -8.93 10.62 -0.72
C THR A 306 -10.13 10.91 -1.60
N GLY A 307 -11.32 10.78 -1.05
CA GLY A 307 -12.55 10.82 -1.85
C GLY A 307 -12.61 9.74 -2.90
N GLY A 308 -11.81 8.69 -2.72
CA GLY A 308 -11.84 7.54 -3.61
C GLY A 308 -11.10 7.72 -4.92
N TYR A 309 -10.27 8.76 -4.99
CA TYR A 309 -9.50 9.03 -6.18
C TYR A 309 -8.26 8.13 -6.31
N LEU A 310 -7.54 7.97 -5.21
CA LEU A 310 -6.23 7.31 -5.21
C LEU A 310 -6.08 6.58 -3.89
N SER A 311 -5.17 5.60 -3.83
CA SER A 311 -4.87 4.92 -2.59
CA SER A 311 -4.90 4.93 -2.56
C SER A 311 -4.01 5.80 -1.69
N LEU A 312 -4.50 6.06 -0.48
CA LEU A 312 -3.74 6.71 0.57
C LEU A 312 -4.32 6.24 1.91
N ALA A 313 -3.46 6.18 2.92
CA ALA A 313 -3.92 5.87 4.27
C ALA A 313 -3.06 6.63 5.27
N ALA A 314 -3.49 6.66 6.54
CA ALA A 314 -2.74 7.37 7.58
C ALA A 314 -2.93 6.69 8.92
N THR A 315 -1.87 6.71 9.72
CA THR A 315 -1.91 6.15 11.08
C THR A 315 -1.54 7.29 11.98
N LEU A 316 -2.39 7.54 12.96
CA LEU A 316 -2.16 8.61 13.91
C LEU A 316 -1.89 7.99 15.28
N CYS A 317 -1.07 8.67 16.08
CA CYS A 317 -0.91 8.27 17.48
C CYS A 317 -0.70 9.50 18.35
N THR A 318 -0.87 9.34 19.67
CA THR A 318 -0.66 10.42 20.62
C THR A 318 0.80 10.88 20.68
N ALA A 319 1.01 12.12 21.14
CA ALA A 319 2.37 12.66 21.35
C ALA A 319 3.21 11.77 22.27
N ASP A 320 2.56 11.15 23.25
CA ASP A 320 3.22 10.27 24.22
C ASP A 320 3.71 8.99 23.54
N VAL A 321 2.86 8.38 22.71
CA VAL A 321 3.30 7.22 21.93
C VAL A 321 4.46 7.61 21.03
N ALA A 322 4.33 8.73 20.35
CA ALA A 322 5.41 9.26 19.52
C ALA A 322 6.71 9.47 20.31
N HIS A 323 6.62 10.14 21.46
CA HIS A 323 7.82 10.43 22.27
C HIS A 323 8.47 9.20 22.83
N THR A 324 7.66 8.23 23.29
CA THR A 324 8.21 6.99 23.83
C THR A 324 8.95 6.18 22.75
N ILE A 325 8.38 6.09 21.55
CA ILE A 325 9.04 5.45 20.42
C ILE A 325 10.35 6.16 20.11
N SER A 326 10.28 7.48 20.00
CA SER A 326 11.44 8.30 19.60
C SER A 326 12.59 8.29 20.59
N ALA A 327 12.31 8.10 21.88
CA ALA A 327 13.34 8.03 22.92
C ALA A 327 13.79 6.58 23.13
N GLY A 328 13.16 5.64 22.41
CA GLY A 328 13.51 4.22 22.50
C GLY A 328 14.85 3.87 21.88
N ALA A 329 15.23 2.59 21.97
CA ALA A 329 16.51 2.08 21.45
C ALA A 329 16.67 2.37 19.96
N ALA A 330 15.58 2.20 19.21
CA ALA A 330 15.55 2.50 17.79
C ALA A 330 15.73 3.99 17.54
N GLY A 331 15.16 4.82 18.41
CA GLY A 331 15.17 6.28 18.23
C GLY A 331 14.31 6.75 17.07
N ALA A 332 13.42 5.88 16.59
CA ALA A 332 12.67 6.14 15.38
C ALA A 332 11.65 5.05 15.19
N LEU A 333 10.55 5.38 14.51
CA LEU A 333 9.60 4.40 14.02
C LEU A 333 10.17 3.79 12.74
N MET A 334 10.42 2.49 12.79
CA MET A 334 11.14 1.81 11.71
C MET A 334 10.22 1.38 10.55
N HIS A 335 9.73 2.39 9.82
CA HIS A 335 8.84 2.24 8.67
C HIS A 335 9.06 3.45 7.81
N GLY A 336 8.94 3.27 6.50
CA GLY A 336 9.11 4.35 5.53
C GLY A 336 8.89 3.87 4.09
N PRO A 337 7.62 3.81 3.64
CA PRO A 337 7.31 3.40 2.26
C PRO A 337 7.92 4.36 1.23
N THR A 338 8.28 3.86 0.03
CA THR A 338 8.84 4.69 -1.04
C THR A 338 8.01 5.94 -1.34
N PHE A 339 6.70 5.74 -1.50
CA PHE A 339 5.79 6.84 -1.85
C PHE A 339 5.12 7.53 -0.65
N MET A 340 5.72 7.37 0.53
CA MET A 340 5.18 7.98 1.73
C MET A 340 4.79 9.44 1.52
N ALA A 341 3.57 9.80 1.92
CA ALA A 341 3.08 11.19 1.85
C ALA A 341 3.05 11.80 0.43
N ASN A 342 2.83 10.94 -0.57
CA ASN A 342 2.70 11.35 -1.98
C ASN A 342 1.87 12.64 -2.13
N PRO A 343 2.48 13.70 -2.68
CA PRO A 343 1.78 14.99 -2.88
C PRO A 343 0.41 14.91 -3.59
N LEU A 344 0.34 14.22 -4.73
CA LEU A 344 -0.93 14.09 -5.46
C LEU A 344 -2.05 13.51 -4.59
N ALA A 345 -1.73 12.41 -3.90
CA ALA A 345 -2.72 11.75 -3.05
C ALA A 345 -3.10 12.61 -1.85
N CYS A 346 -2.13 13.36 -1.32
CA CYS A 346 -2.36 14.24 -0.17
C CYS A 346 -3.22 15.43 -0.57
N ALA A 347 -2.94 16.00 -1.75
CA ALA A 347 -3.68 17.15 -2.29
C ALA A 347 -5.17 16.85 -2.51
N VAL A 348 -5.48 15.74 -3.18
CA VAL A 348 -6.90 15.39 -3.40
C VAL A 348 -7.61 15.08 -2.07
N SER A 349 -6.86 14.55 -1.12
CA SER A 349 -7.35 14.28 0.22
CA SER A 349 -7.37 14.29 0.20
C SER A 349 -7.67 15.59 0.97
N VAL A 350 -6.75 16.56 0.90
CA VAL A 350 -6.97 17.87 1.51
C VAL A 350 -8.29 18.44 0.98
N ALA A 351 -8.48 18.36 -0.34
CA ALA A 351 -9.69 18.88 -0.96
C ALA A 351 -10.94 18.08 -0.57
N SER A 352 -10.81 16.75 -0.46
CA SER A 352 -11.96 15.91 -0.10
C SER A 352 -12.43 16.21 1.34
N VAL A 353 -11.49 16.22 2.29
CA VAL A 353 -11.80 16.58 3.69
C VAL A 353 -12.41 17.99 3.82
N GLU A 354 -11.83 18.98 3.15
CA GLU A 354 -12.34 20.35 3.19
C GLU A 354 -13.77 20.47 2.62
N LEU A 355 -14.05 19.75 1.55
CA LEU A 355 -15.40 19.71 0.96
C LEU A 355 -16.40 19.06 1.93
N LEU A 356 -15.95 18.08 2.69
CA LEU A 356 -16.77 17.45 3.70
C LEU A 356 -17.09 18.44 4.84
N LEU A 357 -16.05 19.14 5.31
CA LEU A 357 -16.19 20.01 6.48
C LEU A 357 -16.93 21.32 6.17
N GLY A 358 -16.89 21.73 4.91
CA GLY A 358 -17.48 22.99 4.49
C GLY A 358 -18.94 22.88 4.12
N GLN A 359 -19.54 21.71 4.32
CA GLN A 359 -20.97 21.53 4.14
C GLN A 359 -21.55 20.99 5.46
N ASP A 360 -22.87 21.05 5.60
CA ASP A 360 -23.53 20.48 6.78
C ASP A 360 -23.64 18.96 6.61
N TRP A 361 -22.50 18.29 6.71
CA TRP A 361 -22.44 16.85 6.45
C TRP A 361 -23.31 16.00 7.37
N ARG A 362 -23.48 16.46 8.61
N ARG A 362 -23.47 16.44 8.62
CA ARG A 362 -24.23 15.75 9.63
CA ARG A 362 -24.25 15.69 9.61
C ARG A 362 -25.71 15.63 9.28
C ARG A 362 -25.73 15.61 9.25
N THR A 363 -26.29 16.73 8.81
CA THR A 363 -27.66 16.73 8.29
C THR A 363 -27.74 15.82 7.05
N ARG A 364 -26.76 15.94 6.17
CA ARG A 364 -26.75 15.12 4.94
C ARG A 364 -26.81 13.62 5.26
N ILE A 365 -26.00 13.19 6.24
CA ILE A 365 -25.91 11.77 6.57
C ILE A 365 -27.20 11.28 7.24
N THR A 366 -27.78 12.13 8.08
CA THR A 366 -29.08 11.85 8.72
C THR A 366 -30.17 11.64 7.67
N GLU A 367 -30.20 12.53 6.68
CA GLU A 367 -31.12 12.41 5.55
C GLU A 367 -30.91 11.10 4.79
N LEU A 368 -29.65 10.78 4.51
CA LEU A 368 -29.29 9.49 3.88
C LEU A 368 -29.79 8.29 4.69
N ALA A 369 -29.55 8.33 6.01
CA ALA A 369 -29.96 7.27 6.90
C ALA A 369 -31.49 7.10 6.94
N ALA A 370 -32.21 8.22 7.04
CA ALA A 370 -33.67 8.21 7.00
C ALA A 370 -34.14 7.59 5.70
N GLY A 371 -33.55 8.04 4.59
CA GLY A 371 -33.88 7.48 3.28
C GLY A 371 -33.57 6.00 3.15
N LEU A 372 -32.44 5.56 3.72
CA LEU A 372 -32.12 4.14 3.70
C LEU A 372 -33.13 3.33 4.50
N THR A 373 -33.43 3.79 5.72
CA THR A 373 -34.39 3.14 6.59
C THR A 373 -35.78 3.03 5.97
N ALA A 374 -36.26 4.15 5.42
CA ALA A 374 -37.57 4.20 4.73
C ALA A 374 -37.63 3.22 3.55
N GLY A 375 -36.61 3.28 2.68
CA GLY A 375 -36.52 2.40 1.52
C GLY A 375 -36.38 0.90 1.82
N LEU A 376 -35.81 0.54 2.96
CA LEU A 376 -35.55 -0.88 3.23
C LEU A 376 -36.61 -1.51 4.13
N ASP A 377 -37.49 -0.68 4.69
CA ASP A 377 -38.49 -1.17 5.66
C ASP A 377 -39.22 -2.40 5.13
N THR A 378 -39.56 -2.37 3.85
CA THR A 378 -40.32 -3.44 3.22
C THR A 378 -39.60 -4.80 3.19
N ALA A 379 -38.27 -4.80 3.19
CA ALA A 379 -37.54 -6.08 3.15
C ALA A 379 -37.75 -6.92 4.41
N ARG A 380 -38.07 -6.29 5.55
CA ARG A 380 -38.22 -7.03 6.81
C ARG A 380 -39.22 -8.18 6.69
N ALA A 381 -40.26 -7.99 5.88
CA ALA A 381 -41.31 -8.97 5.77
C ALA A 381 -40.93 -10.13 4.85
N LEU A 382 -39.94 -9.92 3.98
CA LEU A 382 -39.58 -10.92 2.97
C LEU A 382 -39.15 -12.25 3.59
N PRO A 383 -39.53 -13.37 2.95
CA PRO A 383 -39.28 -14.70 3.51
C PRO A 383 -37.81 -14.98 3.87
N ALA A 384 -36.85 -14.51 3.06
CA ALA A 384 -35.45 -14.90 3.24
C ALA A 384 -34.63 -13.84 3.99
N VAL A 385 -35.29 -12.80 4.49
CA VAL A 385 -34.63 -11.75 5.25
C VAL A 385 -34.62 -12.03 6.75
N THR A 386 -33.45 -12.06 7.37
CA THR A 386 -33.39 -12.25 8.83
C THR A 386 -33.19 -10.94 9.60
N ASP A 387 -32.65 -9.93 8.93
CA ASP A 387 -32.50 -8.63 9.61
C ASP A 387 -32.35 -7.49 8.62
N VAL A 388 -32.81 -6.30 9.03
CA VAL A 388 -32.59 -5.06 8.28
C VAL A 388 -32.03 -4.01 9.23
N ARG A 389 -30.94 -3.36 8.84
CA ARG A 389 -30.30 -2.41 9.73
C ARG A 389 -29.61 -1.31 8.98
N VAL A 390 -29.67 -0.11 9.57
CA VAL A 390 -29.10 1.10 9.01
C VAL A 390 -28.29 1.78 10.11
N CYS A 391 -27.17 2.37 9.75
CA CYS A 391 -26.39 3.16 10.70
C CYS A 391 -25.68 4.21 9.88
N GLY A 392 -26.12 5.47 9.98
CA GLY A 392 -25.63 6.53 9.10
C GLY A 392 -25.91 6.15 7.65
N ALA A 393 -24.98 6.48 6.75
CA ALA A 393 -25.17 6.14 5.34
C ALA A 393 -24.73 4.71 4.99
N ILE A 394 -25.27 3.75 5.75
CA ILE A 394 -24.98 2.33 5.56
C ILE A 394 -26.28 1.54 5.74
N GLY A 395 -26.63 0.72 4.76
CA GLY A 395 -27.87 -0.05 4.84
C GLY A 395 -27.65 -1.51 4.56
N VAL A 396 -28.22 -2.36 5.41
CA VAL A 396 -27.94 -3.78 5.33
C VAL A 396 -29.24 -4.58 5.35
N ILE A 397 -29.36 -5.51 4.40
CA ILE A 397 -30.38 -6.55 4.46
C ILE A 397 -29.59 -7.83 4.69
N GLU A 398 -29.78 -8.44 5.86
CA GLU A 398 -29.20 -9.74 6.17
C GLU A 398 -30.18 -10.85 5.87
N CYS A 399 -29.77 -11.79 5.01
CA CYS A 399 -30.63 -12.84 4.50
C CYS A 399 -30.32 -14.19 5.17
N ASP A 400 -31.15 -15.19 4.88
CA ASP A 400 -31.10 -16.50 5.55
C ASP A 400 -30.26 -17.53 4.77
N ARG A 401 -29.60 -17.09 3.70
CA ARG A 401 -28.69 -17.96 2.95
C ARG A 401 -27.66 -17.09 2.23
N PRO A 402 -26.54 -17.69 1.80
CA PRO A 402 -25.61 -16.83 1.09
C PRO A 402 -26.23 -16.32 -0.22
N VAL A 403 -25.84 -15.12 -0.64
CA VAL A 403 -26.48 -14.55 -1.82
C VAL A 403 -25.75 -14.96 -3.09
N ASP A 404 -26.50 -15.56 -4.01
CA ASP A 404 -25.95 -15.95 -5.30
C ASP A 404 -25.74 -14.72 -6.18
N LEU A 405 -24.48 -14.37 -6.44
CA LEU A 405 -24.17 -13.19 -7.25
C LEU A 405 -24.67 -13.30 -8.71
N ALA A 406 -24.75 -14.52 -9.23
CA ALA A 406 -25.22 -14.74 -10.59
C ALA A 406 -26.70 -14.33 -10.74
N VAL A 407 -27.43 -14.24 -9.62
CA VAL A 407 -28.82 -13.79 -9.59
C VAL A 407 -28.91 -12.31 -9.20
N ALA A 408 -28.27 -11.98 -8.07
CA ALA A 408 -28.20 -10.62 -7.56
C ALA A 408 -27.70 -9.59 -8.57
N THR A 409 -26.60 -9.90 -9.26
CA THR A 409 -25.93 -8.91 -10.11
C THR A 409 -26.81 -8.44 -11.28
N PRO A 410 -27.35 -9.37 -12.12
CA PRO A 410 -28.25 -8.87 -13.17
C PRO A 410 -29.53 -8.21 -12.63
N ALA A 411 -30.04 -8.70 -11.49
CA ALA A 411 -31.24 -8.14 -10.86
C ALA A 411 -31.03 -6.66 -10.50
N ALA A 412 -29.90 -6.37 -9.86
CA ALA A 412 -29.51 -4.99 -9.60
C ALA A 412 -29.28 -4.17 -10.88
N LEU A 413 -28.57 -4.74 -11.84
CA LEU A 413 -28.27 -4.08 -13.10
C LEU A 413 -29.54 -3.77 -13.90
N ASP A 414 -30.55 -4.63 -13.80
CA ASP A 414 -31.86 -4.43 -14.46
C ASP A 414 -32.59 -3.22 -13.84
N ARG A 415 -32.19 -2.83 -12.63
CA ARG A 415 -32.78 -1.71 -11.93
C ARG A 415 -31.87 -0.49 -11.86
N GLY A 416 -30.79 -0.53 -12.65
CA GLY A 416 -29.90 0.63 -12.75
C GLY A 416 -28.99 0.83 -11.54
N VAL A 417 -28.62 -0.26 -10.87
CA VAL A 417 -27.80 -0.16 -9.65
C VAL A 417 -26.68 -1.19 -9.67
N TRP A 418 -25.46 -0.74 -9.35
CA TRP A 418 -24.35 -1.64 -9.05
C TRP A 418 -24.33 -2.02 -7.59
N LEU A 419 -24.77 -3.24 -7.29
CA LEU A 419 -24.66 -3.81 -5.94
C LEU A 419 -23.66 -4.95 -5.94
N ARG A 420 -22.87 -5.04 -4.88
CA ARG A 420 -21.95 -6.14 -4.68
C ARG A 420 -22.23 -6.83 -3.33
N PRO A 421 -23.18 -7.77 -3.30
CA PRO A 421 -23.41 -8.56 -2.09
C PRO A 421 -22.17 -9.41 -1.71
N PHE A 422 -22.01 -9.74 -0.43
CA PHE A 422 -21.05 -10.77 0.00
C PHE A 422 -21.69 -11.61 1.10
N ARG A 423 -21.29 -12.87 1.16
CA ARG A 423 -21.87 -13.83 2.10
C ARG A 423 -23.40 -13.75 2.02
N ASN A 424 -24.08 -13.57 3.14
CA ASN A 424 -25.54 -13.48 3.15
C ASN A 424 -26.02 -12.01 3.18
N LEU A 425 -25.21 -11.07 2.73
CA LEU A 425 -25.56 -9.66 2.91
C LEU A 425 -25.79 -8.92 1.59
N VAL A 426 -26.91 -8.20 1.54
CA VAL A 426 -27.16 -7.20 0.50
C VAL A 426 -27.11 -5.84 1.21
N TYR A 427 -26.17 -4.98 0.81
CA TYR A 427 -25.85 -3.82 1.60
C TYR A 427 -25.36 -2.71 0.69
N ALA A 428 -25.31 -1.49 1.20
CA ALA A 428 -24.95 -0.31 0.41
C ALA A 428 -24.37 0.71 1.32
N MET A 429 -23.44 1.49 0.77
CA MET A 429 -22.85 2.64 1.44
C MET A 429 -22.76 3.67 0.34
N PRO A 430 -23.89 4.35 0.03
CA PRO A 430 -23.96 5.27 -1.10
C PRO A 430 -23.16 6.56 -0.94
N PRO A 431 -22.76 7.19 -2.07
CA PRO A 431 -22.09 8.49 -1.98
C PRO A 431 -22.98 9.53 -1.30
N TYR A 432 -22.35 10.46 -0.59
CA TYR A 432 -23.10 11.42 0.23
C TYR A 432 -23.92 12.36 -0.66
N ILE A 433 -23.58 12.40 -1.95
CA ILE A 433 -24.23 13.29 -2.90
C ILE A 433 -25.53 12.71 -3.50
N CYS A 434 -25.86 11.47 -3.16
CA CYS A 434 -27.05 10.82 -3.73
C CYS A 434 -28.28 11.61 -3.35
N THR A 435 -29.13 11.88 -4.34
CA THR A 435 -30.43 12.54 -4.09
C THR A 435 -31.37 11.53 -3.44
N PRO A 436 -32.47 12.02 -2.80
CA PRO A 436 -33.50 11.14 -2.27
C PRO A 436 -34.04 10.10 -3.25
N ALA A 437 -34.22 10.47 -4.52
CA ALA A 437 -34.69 9.53 -5.53
C ALA A 437 -33.68 8.42 -5.82
N GLU A 438 -32.40 8.79 -5.82
CA GLU A 438 -31.33 7.83 -6.04
C GLU A 438 -31.24 6.84 -4.87
N ILE A 439 -31.39 7.33 -3.64
CA ILE A 439 -31.43 6.46 -2.46
C ILE A 439 -32.60 5.50 -2.55
N THR A 440 -33.75 6.01 -2.97
CA THR A 440 -34.93 5.17 -3.22
C THR A 440 -34.70 4.13 -4.33
N GLN A 441 -34.01 4.52 -5.41
CA GLN A 441 -33.68 3.58 -6.49
C GLN A 441 -32.73 2.46 -5.98
N ILE A 442 -31.75 2.86 -5.17
CA ILE A 442 -30.80 1.91 -4.56
C ILE A 442 -31.52 0.92 -3.65
N THR A 443 -32.32 1.41 -2.71
CA THR A 443 -33.00 0.52 -1.76
C THR A 443 -34.03 -0.39 -2.45
N SER A 444 -34.64 0.11 -3.52
CA SER A 444 -35.61 -0.69 -4.26
CA SER A 444 -35.61 -0.67 -4.30
C SER A 444 -34.92 -1.86 -4.93
N ALA A 445 -33.73 -1.60 -5.48
CA ALA A 445 -32.92 -2.66 -6.06
C ALA A 445 -32.52 -3.68 -4.98
N MET A 446 -32.11 -3.18 -3.80
CA MET A 446 -31.74 -4.08 -2.70
C MET A 446 -32.89 -4.98 -2.30
N VAL A 447 -34.10 -4.40 -2.21
CA VAL A 447 -35.29 -5.16 -1.82
C VAL A 447 -35.60 -6.25 -2.83
N GLU A 448 -35.53 -5.90 -4.11
CA GLU A 448 -35.73 -6.85 -5.21
C GLU A 448 -34.65 -7.96 -5.28
N VAL A 449 -33.41 -7.60 -4.95
CA VAL A 449 -32.37 -8.62 -4.84
C VAL A 449 -32.78 -9.58 -3.72
N ALA A 450 -33.23 -9.04 -2.60
CA ALA A 450 -33.59 -9.83 -1.42
C ALA A 450 -34.81 -10.71 -1.64
N ARG A 451 -35.76 -10.21 -2.44
CA ARG A 451 -36.93 -10.99 -2.85
C ARG A 451 -36.52 -12.20 -3.70
N LEU A 452 -35.53 -12.01 -4.57
CA LEU A 452 -35.00 -13.10 -5.42
C LEU A 452 -34.22 -14.17 -4.66
N VAL A 453 -33.51 -13.75 -3.61
CA VAL A 453 -32.78 -14.65 -2.73
C VAL A 453 -33.76 -15.65 -2.14
N GLY A 454 -34.92 -15.15 -1.70
CA GLY A 454 -35.97 -15.96 -1.09
C GLY A 454 -36.65 -16.95 -2.00
N SER A 455 -36.05 -17.17 -3.19
CA SER A 455 -36.61 -18.03 -4.22
C SER A 455 -35.50 -18.61 -5.09
N GLY B 27 -3.36 26.63 2.30
CA GLY B 27 -2.36 27.72 2.12
C GLY B 27 -1.46 27.83 3.32
N LEU B 28 -0.22 27.35 3.16
CA LEU B 28 0.80 27.47 4.20
C LEU B 28 2.12 27.96 3.59
N THR B 29 2.78 28.89 4.28
CA THR B 29 4.09 29.39 3.87
C THR B 29 5.13 28.33 4.29
N PRO B 30 6.34 28.36 3.68
CA PRO B 30 7.40 27.42 4.06
C PRO B 30 7.68 27.33 5.57
N GLU B 31 7.68 28.47 6.27
CA GLU B 31 7.86 28.49 7.74
C GLU B 31 6.71 27.79 8.47
N GLN B 32 5.49 28.00 8.00
CA GLN B 32 4.33 27.32 8.54
C GLN B 32 4.36 25.82 8.26
N ILE B 33 4.86 25.46 7.08
CA ILE B 33 5.01 24.05 6.69
C ILE B 33 5.97 23.37 7.66
N ILE B 34 7.13 23.99 7.87
CA ILE B 34 8.12 23.52 8.86
C ILE B 34 7.49 23.30 10.25
N ALA B 35 6.71 24.28 10.72
CA ALA B 35 6.09 24.23 12.05
C ALA B 35 5.06 23.10 12.19
N VAL B 36 4.21 22.94 11.17
CA VAL B 36 3.25 21.82 11.15
C VAL B 36 3.99 20.47 11.12
N ASP B 37 5.00 20.39 10.27
CA ASP B 37 5.80 19.19 10.05
C ASP B 37 6.52 18.74 11.34
N GLY B 38 7.28 19.63 11.96
CA GLY B 38 7.89 19.36 13.29
C GLY B 38 6.94 18.80 14.34
N ALA B 39 5.74 19.36 14.43
CA ALA B 39 4.78 18.95 15.44
C ALA B 39 4.00 17.69 15.07
N HIS B 40 3.76 17.45 13.78
CA HIS B 40 2.73 16.46 13.38
C HIS B 40 3.12 15.38 12.39
N LEU B 41 4.22 15.57 11.65
CA LEU B 41 4.55 14.62 10.58
C LEU B 41 5.68 13.64 10.91
N TRP B 42 5.35 12.35 10.85
CA TRP B 42 6.42 11.34 10.75
C TRP B 42 6.99 11.32 9.36
N HIS B 43 8.26 10.98 9.30
CA HIS B 43 8.98 10.81 8.03
C HIS B 43 9.53 9.39 8.01
N PRO B 44 10.10 8.94 6.87
CA PRO B 44 10.61 7.57 6.85
C PRO B 44 11.64 7.32 7.95
N TYR B 45 11.51 6.21 8.68
CA TYR B 45 12.46 5.81 9.76
C TYR B 45 12.94 7.00 10.58
N SER B 46 12.00 7.81 11.05
CA SER B 46 12.35 9.04 11.72
C SER B 46 11.73 9.07 13.10
N SER B 47 12.05 10.14 13.82
CA SER B 47 11.50 10.37 15.15
C SER B 47 10.50 11.53 15.06
N ILE B 48 9.83 11.79 16.18
CA ILE B 48 9.10 13.05 16.38
C ILE B 48 9.86 13.86 17.44
N GLY B 49 10.25 15.08 17.09
CA GLY B 49 10.90 16.00 18.03
C GLY B 49 12.34 15.67 18.41
N ARG B 50 12.96 14.75 17.68
CA ARG B 50 14.38 14.42 17.91
C ARG B 50 15.19 14.47 16.63
N GLU B 51 14.57 14.93 15.54
CA GLU B 51 15.25 15.04 14.27
C GLU B 51 16.46 15.94 14.44
N ALA B 52 17.60 15.47 13.95
CA ALA B 52 18.87 16.20 14.03
C ALA B 52 18.83 17.44 13.14
N VAL B 53 18.12 17.33 12.01
CA VAL B 53 17.95 18.46 11.11
C VAL B 53 16.50 18.49 10.62
N SER B 54 15.96 19.69 10.47
CA SER B 54 14.66 19.89 9.83
C SER B 54 14.67 19.30 8.42
N PRO B 55 13.55 18.70 7.99
CA PRO B 55 13.35 18.44 6.58
C PRO B 55 13.37 19.76 5.80
N VAL B 56 13.83 19.73 4.55
CA VAL B 56 13.85 20.91 3.66
C VAL B 56 12.51 20.98 2.92
N VAL B 57 11.92 22.17 2.76
CA VAL B 57 10.65 22.31 2.04
C VAL B 57 10.85 22.18 0.52
N ALA B 58 10.18 21.19 -0.07
CA ALA B 58 10.08 21.04 -1.52
C ALA B 58 8.80 21.74 -2.01
N VAL B 59 8.96 22.66 -2.96
CA VAL B 59 7.82 23.45 -3.44
C VAL B 59 7.41 23.15 -4.89
N ALA B 60 8.31 22.55 -5.66
CA ALA B 60 8.02 22.16 -7.05
C ALA B 60 8.91 20.99 -7.50
N ALA B 61 8.52 20.29 -8.56
CA ALA B 61 9.38 19.33 -9.26
C ALA B 61 9.08 19.34 -10.75
N HIS B 62 10.08 19.65 -11.57
CA HIS B 62 9.86 19.64 -13.01
C HIS B 62 11.03 19.01 -13.71
N GLY B 63 10.75 18.02 -14.54
CA GLY B 63 11.82 17.24 -15.18
C GLY B 63 12.73 16.60 -14.13
N ALA B 64 14.02 16.83 -14.26
CA ALA B 64 15.02 16.21 -13.39
C ALA B 64 15.29 17.05 -12.15
N TRP B 65 14.55 18.14 -12.00
CA TRP B 65 14.82 19.13 -10.96
C TRP B 65 13.74 19.28 -9.93
N LEU B 66 14.17 19.51 -8.69
CA LEU B 66 13.27 19.87 -7.60
C LEU B 66 13.53 21.31 -7.25
N THR B 67 12.49 22.02 -6.84
CA THR B 67 12.67 23.33 -6.23
C THR B 67 12.55 23.19 -4.73
N LEU B 68 13.58 23.64 -4.02
CA LEU B 68 13.65 23.51 -2.57
C LEU B 68 13.93 24.87 -1.93
N ILE B 69 13.48 25.03 -0.68
CA ILE B 69 13.69 26.25 0.08
C ILE B 69 14.91 26.10 0.99
N ARG B 70 15.91 26.95 0.77
CA ARG B 70 17.13 26.94 1.54
C ARG B 70 17.36 28.37 1.97
N ASP B 71 17.34 28.61 3.29
CA ASP B 71 17.44 29.96 3.85
C ASP B 71 16.35 30.89 3.29
N GLY B 72 15.13 30.37 3.14
CA GLY B 72 13.98 31.15 2.70
C GLY B 72 13.91 31.43 1.21
N GLN B 73 14.86 30.90 0.46
CA GLN B 73 14.92 31.09 -1.00
C GLN B 73 14.68 29.80 -1.81
N PRO B 74 13.79 29.86 -2.82
CA PRO B 74 13.65 28.70 -3.70
C PRO B 74 14.91 28.53 -4.55
N ILE B 75 15.48 27.33 -4.49
CA ILE B 75 16.58 26.97 -5.39
C ILE B 75 16.22 25.68 -6.10
N GLU B 76 16.67 25.57 -7.35
CA GLU B 76 16.52 24.38 -8.16
C GLU B 76 17.73 23.45 -7.99
N VAL B 77 17.46 22.18 -7.71
CA VAL B 77 18.53 21.17 -7.55
C VAL B 77 18.15 19.87 -8.24
N LEU B 78 19.16 19.17 -8.77
CA LEU B 78 18.96 17.90 -9.44
C LEU B 78 18.50 16.79 -8.48
N ASP B 79 17.50 16.03 -8.91
CA ASP B 79 16.98 14.90 -8.13
C ASP B 79 17.84 13.69 -8.52
N ALA B 80 19.07 13.67 -8.02
CA ALA B 80 20.02 12.57 -8.27
C ALA B 80 19.48 11.17 -7.98
N MET B 81 18.51 11.08 -7.07
CA MET B 81 18.03 9.78 -6.58
C MET B 81 16.78 9.34 -7.28
N SER B 82 16.32 10.14 -8.26
CA SER B 82 15.00 9.93 -8.89
C SER B 82 13.89 9.70 -7.87
N SER B 83 13.92 10.43 -6.77
CA SER B 83 12.94 10.22 -5.70
C SER B 83 12.81 8.74 -5.37
N TRP B 84 13.95 8.14 -5.02
CA TRP B 84 14.10 6.69 -4.76
C TRP B 84 13.66 5.80 -5.88
N TRP B 85 14.34 5.96 -7.00
CA TRP B 85 14.25 5.07 -8.17
C TRP B 85 13.03 5.34 -9.02
N THR B 86 12.13 6.22 -8.56
CA THR B 86 10.78 6.31 -9.16
C THR B 86 10.67 7.17 -10.43
N ALA B 87 11.33 8.32 -10.43
CA ALA B 87 11.12 9.36 -11.45
C ALA B 87 11.93 9.15 -12.73
N ILE B 88 11.70 8.02 -13.41
CA ILE B 88 12.53 7.63 -14.57
C ILE B 88 12.49 8.56 -15.78
N HIS B 89 11.32 9.16 -16.04
CA HIS B 89 11.18 10.19 -17.08
C HIS B 89 11.21 11.58 -16.53
N GLY B 90 11.62 11.73 -15.27
CA GLY B 90 11.60 13.02 -14.61
C GLY B 90 10.20 13.40 -14.13
N HIS B 91 10.11 14.50 -13.39
CA HIS B 91 8.84 14.94 -12.84
C HIS B 91 8.05 15.72 -13.86
N GLY B 92 6.74 15.56 -13.86
CA GLY B 92 5.87 16.35 -14.75
C GLY B 92 6.27 16.24 -16.20
N HIS B 93 6.42 15.02 -16.68
CA HIS B 93 6.65 14.77 -18.09
C HIS B 93 5.34 14.99 -18.81
N PRO B 94 5.33 15.86 -19.84
CA PRO B 94 4.07 16.23 -20.50
C PRO B 94 3.21 15.02 -20.88
N ALA B 95 3.83 13.96 -21.38
CA ALA B 95 3.06 12.78 -21.80
C ALA B 95 2.43 12.03 -20.62
N LEU B 96 3.13 12.04 -19.48
CA LEU B 96 2.60 11.40 -18.29
C LEU B 96 1.50 12.23 -17.61
N ASP B 97 1.71 13.55 -17.50
CA ASP B 97 0.66 14.48 -17.00
C ASP B 97 -0.61 14.32 -17.85
N GLN B 98 -0.42 14.28 -19.16
CA GLN B 98 -1.53 14.17 -20.12
C GLN B 98 -2.32 12.86 -19.97
N ALA B 99 -1.62 11.75 -19.80
CA ALA B 99 -2.30 10.46 -19.60
C ALA B 99 -3.11 10.46 -18.31
N LEU B 100 -2.62 11.14 -17.29
CA LEU B 100 -3.29 11.19 -15.99
C LEU B 100 -4.57 12.04 -16.06
N THR B 101 -4.45 13.25 -16.62
CA THR B 101 -5.62 14.14 -16.77
C THR B 101 -6.63 13.61 -17.78
N THR B 102 -6.17 12.90 -18.80
CA THR B 102 -7.06 12.28 -19.77
C THR B 102 -7.91 11.23 -19.06
N GLN B 103 -7.29 10.42 -18.20
CA GLN B 103 -8.04 9.43 -17.42
C GLN B 103 -8.95 10.08 -16.38
N LEU B 104 -8.48 11.18 -15.79
CA LEU B 104 -9.22 11.87 -14.75
C LEU B 104 -10.59 12.36 -15.25
N ARG B 105 -10.64 12.80 -16.50
CA ARG B 105 -11.90 13.28 -17.07
C ARG B 105 -12.90 12.16 -17.31
N VAL B 106 -12.43 10.92 -17.44
CA VAL B 106 -13.33 9.81 -17.79
C VAL B 106 -13.75 8.97 -16.58
N MET B 107 -12.79 8.57 -15.76
CA MET B 107 -13.08 7.69 -14.63
C MET B 107 -11.91 7.68 -13.67
N ASN B 108 -12.09 8.27 -12.48
CA ASN B 108 -11.02 8.34 -11.50
C ASN B 108 -10.66 6.95 -10.92
N HIS B 109 -11.70 6.17 -10.61
CA HIS B 109 -11.58 4.90 -9.90
C HIS B 109 -12.89 4.18 -9.86
N VAL B 110 -12.86 2.85 -10.05
CA VAL B 110 -14.02 2.00 -9.72
C VAL B 110 -13.48 0.81 -8.97
N MET B 111 -14.31 0.18 -8.13
CA MET B 111 -13.93 -1.06 -7.49
C MET B 111 -13.58 -2.12 -8.54
N PHE B 112 -12.61 -2.98 -8.23
CA PHE B 112 -12.16 -4.02 -9.16
C PHE B 112 -12.85 -5.36 -8.86
N GLY B 113 -13.86 -5.33 -8.01
CA GLY B 113 -14.65 -6.54 -7.68
C GLY B 113 -15.86 -6.62 -8.60
N GLY B 114 -15.80 -7.51 -9.59
CA GLY B 114 -16.89 -7.72 -10.54
C GLY B 114 -16.87 -6.76 -11.72
N LEU B 115 -15.94 -5.80 -11.69
CA LEU B 115 -15.70 -4.87 -12.77
C LEU B 115 -14.26 -4.98 -13.27
N THR B 116 -14.07 -4.65 -14.55
CA THR B 116 -12.75 -4.45 -15.11
C THR B 116 -12.69 -3.14 -15.87
N HIS B 117 -11.51 -2.75 -16.34
CA HIS B 117 -11.43 -1.51 -17.11
C HIS B 117 -10.27 -1.47 -18.03
N GLU B 118 -10.26 -0.47 -18.91
CA GLU B 118 -9.25 -0.35 -19.94
C GLU B 118 -7.84 -0.10 -19.39
N PRO B 119 -7.68 0.79 -18.39
CA PRO B 119 -6.29 1.02 -17.92
C PRO B 119 -5.66 -0.22 -17.30
N ALA B 120 -6.44 -0.99 -16.53
CA ALA B 120 -5.95 -2.24 -15.99
C ALA B 120 -5.60 -3.25 -17.11
N ALA B 121 -6.51 -3.42 -18.07
CA ALA B 121 -6.28 -4.32 -19.23
C ALA B 121 -5.03 -3.91 -19.99
N ARG B 122 -4.97 -2.65 -20.41
CA ARG B 122 -3.82 -2.19 -21.16
C ARG B 122 -2.53 -2.46 -20.37
N LEU B 123 -2.49 -2.09 -19.09
CA LEU B 123 -1.25 -2.25 -18.28
C LEU B 123 -0.87 -3.72 -18.11
N ALA B 124 -1.85 -4.58 -17.78
CA ALA B 124 -1.58 -6.00 -17.60
C ALA B 124 -1.02 -6.58 -18.89
N LYS B 125 -1.60 -6.19 -20.02
CA LYS B 125 -1.08 -6.54 -21.35
C LYS B 125 0.39 -6.18 -21.53
N LEU B 126 0.76 -4.95 -21.20
CA LEU B 126 2.12 -4.48 -21.42
C LEU B 126 3.10 -5.26 -20.57
N LEU B 127 2.74 -5.42 -19.29
CA LEU B 127 3.58 -6.09 -18.29
C LEU B 127 3.86 -7.55 -18.64
N VAL B 128 2.84 -8.29 -19.06
CA VAL B 128 3.04 -9.68 -19.43
C VAL B 128 3.90 -9.81 -20.71
N ASP B 129 3.76 -8.86 -21.64
CA ASP B 129 4.58 -8.86 -22.87
C ASP B 129 6.06 -8.56 -22.60
N ILE B 130 6.35 -7.69 -21.65
CA ILE B 130 7.71 -7.15 -21.53
C ILE B 130 8.56 -7.72 -20.37
N THR B 131 7.92 -8.50 -19.49
CA THR B 131 8.64 -9.13 -18.37
C THR B 131 9.21 -10.45 -18.90
N PRO B 132 10.18 -11.07 -18.18
CA PRO B 132 10.74 -12.36 -18.60
C PRO B 132 9.66 -13.38 -18.95
N ALA B 133 9.95 -14.22 -19.95
CA ALA B 133 8.94 -15.13 -20.54
C ALA B 133 8.22 -15.97 -19.50
N GLY B 134 6.93 -16.19 -19.68
CA GLY B 134 6.19 -17.11 -18.81
C GLY B 134 5.41 -16.46 -17.68
N LEU B 135 5.59 -15.17 -17.48
CA LEU B 135 4.79 -14.44 -16.49
C LEU B 135 3.46 -13.94 -17.12
N ASP B 136 2.39 -14.72 -16.94
CA ASP B 136 1.16 -14.56 -17.73
C ASP B 136 0.00 -13.88 -17.00
N THR B 137 0.10 -13.72 -15.69
CA THR B 137 -1.01 -13.14 -14.91
C THR B 137 -0.50 -12.03 -13.98
N VAL B 138 -1.34 -11.04 -13.71
CA VAL B 138 -0.93 -9.83 -13.01
C VAL B 138 -1.90 -9.51 -11.86
N PHE B 139 -1.34 -9.31 -10.67
CA PHE B 139 -2.09 -8.89 -9.49
C PHE B 139 -1.62 -7.51 -9.09
N PHE B 140 -2.48 -6.51 -9.23
CA PHE B 140 -2.16 -5.13 -8.84
C PHE B 140 -2.37 -4.89 -7.34
N SER B 141 -1.48 -4.08 -6.77
CA SER B 141 -1.58 -3.70 -5.36
C SER B 141 -1.03 -2.28 -5.24
N ASP B 142 -1.12 -1.69 -4.05
CA ASP B 142 -0.86 -0.25 -3.92
C ASP B 142 0.55 0.13 -3.46
N SER B 143 1.38 -0.86 -3.10
CA SER B 143 2.78 -0.56 -2.80
C SER B 143 3.69 -1.78 -2.97
N GLY B 144 4.99 -1.50 -3.05
CA GLY B 144 6.02 -2.54 -3.12
C GLY B 144 5.93 -3.58 -1.99
N SER B 145 5.82 -3.14 -0.73
CA SER B 145 5.74 -4.11 0.36
C SER B 145 4.53 -5.00 0.20
N VAL B 146 3.40 -4.44 -0.23
CA VAL B 146 2.20 -5.26 -0.46
C VAL B 146 2.39 -6.31 -1.60
N SER B 147 3.05 -5.92 -2.68
CA SER B 147 3.27 -6.86 -3.79
C SER B 147 4.18 -8.02 -3.36
N VAL B 148 5.10 -7.74 -2.44
CA VAL B 148 5.96 -8.75 -1.84
C VAL B 148 5.17 -9.76 -0.99
N GLU B 149 4.24 -9.25 -0.17
CA GLU B 149 3.41 -10.13 0.64
C GLU B 149 2.44 -10.93 -0.22
N VAL B 150 1.99 -10.35 -1.33
CA VAL B 150 1.19 -11.09 -2.33
C VAL B 150 2.04 -12.21 -2.96
N ALA B 151 3.29 -11.88 -3.32
CA ALA B 151 4.24 -12.88 -3.88
C ALA B 151 4.41 -14.06 -2.94
N ALA B 152 4.60 -13.76 -1.65
CA ALA B 152 4.74 -14.77 -0.63
C ALA B 152 3.45 -15.58 -0.50
N LYS B 153 2.29 -14.91 -0.58
CA LYS B 153 1.01 -15.58 -0.47
C LYS B 153 0.72 -16.50 -1.66
N MET B 154 1.04 -16.05 -2.87
CA MET B 154 1.04 -16.94 -4.05
C MET B 154 1.86 -18.21 -3.81
N ALA B 155 3.13 -18.03 -3.42
CA ALA B 155 4.02 -19.17 -3.14
C ALA B 155 3.47 -20.15 -2.10
N LEU B 156 3.02 -19.61 -0.96
CA LEU B 156 2.42 -20.42 0.12
C LEU B 156 1.15 -21.16 -0.31
N GLN B 157 0.21 -20.46 -0.96
CA GLN B 157 -1.00 -21.11 -1.46
C GLN B 157 -0.69 -22.14 -2.56
N TYR B 158 0.34 -21.85 -3.36
CA TYR B 158 0.79 -22.78 -4.38
C TYR B 158 1.00 -24.16 -3.77
N TRP B 159 1.85 -24.25 -2.74
CA TRP B 159 2.21 -25.56 -2.22
C TRP B 159 1.10 -26.23 -1.48
N ARG B 160 0.25 -25.44 -0.82
CA ARG B 160 -0.94 -26.00 -0.20
C ARG B 160 -1.81 -26.62 -1.29
N GLY B 161 -1.85 -25.97 -2.46
CA GLY B 161 -2.57 -26.50 -3.61
C GLY B 161 -1.90 -27.73 -4.23
N ARG B 162 -0.67 -28.02 -3.81
CA ARG B 162 0.06 -29.21 -4.29
C ARG B 162 0.04 -30.30 -3.23
N GLY B 163 -0.60 -30.02 -2.09
CA GLY B 163 -0.65 -30.96 -0.96
C GLY B 163 0.62 -30.94 -0.11
N LEU B 164 1.32 -29.81 -0.13
CA LEU B 164 2.56 -29.69 0.61
C LEU B 164 2.56 -28.44 1.52
N PRO B 165 1.63 -28.39 2.50
CA PRO B 165 1.52 -27.22 3.38
C PRO B 165 2.74 -26.99 4.26
N GLY B 166 3.57 -28.02 4.40
CA GLY B 166 4.84 -27.88 5.14
C GLY B 166 5.82 -26.92 4.47
N LYS B 167 5.68 -26.71 3.16
CA LYS B 167 6.58 -25.81 2.45
C LYS B 167 6.08 -24.36 2.62
N ARG B 168 6.58 -23.68 3.64
CA ARG B 168 5.98 -22.41 4.09
C ARG B 168 7.00 -21.34 4.48
N ARG B 169 8.29 -21.70 4.53
CA ARG B 169 9.33 -20.75 4.91
C ARG B 169 9.90 -20.11 3.67
N LEU B 170 10.64 -19.01 3.86
CA LEU B 170 11.30 -18.36 2.73
C LEU B 170 12.81 -18.39 2.89
N MET B 171 13.51 -18.49 1.77
CA MET B 171 14.97 -18.39 1.81
C MET B 171 15.43 -17.19 0.98
N THR B 172 16.42 -16.49 1.48
CA THR B 172 17.04 -15.42 0.73
C THR B 172 18.53 -15.35 1.03
N TRP B 173 19.23 -14.39 0.43
CA TRP B 173 20.61 -14.10 0.81
C TRP B 173 20.66 -12.77 1.52
N ARG B 174 21.73 -12.56 2.28
CA ARG B 174 21.86 -11.34 3.08
C ARG B 174 22.04 -10.12 2.20
N GLY B 175 21.79 -8.94 2.78
CA GLY B 175 21.98 -7.68 2.08
C GLY B 175 20.72 -7.19 1.38
N GLY B 176 19.64 -7.96 1.50
CA GLY B 176 18.41 -7.67 0.77
C GLY B 176 17.48 -6.70 1.48
N TYR B 177 16.55 -6.11 0.73
CA TYR B 177 15.49 -5.29 1.31
C TYR B 177 14.23 -5.48 0.49
N HIS B 178 13.10 -5.73 1.15
CA HIS B 178 11.84 -6.06 0.46
C HIS B 178 10.64 -5.33 1.01
N GLY B 179 10.88 -4.34 1.85
CA GLY B 179 9.78 -3.61 2.51
C GLY B 179 9.72 -3.70 4.03
N ASP B 180 8.70 -3.05 4.59
CA ASP B 180 8.58 -2.76 6.03
C ASP B 180 7.37 -3.41 6.69
N THR B 181 6.43 -3.91 5.91
CA THR B 181 5.36 -4.74 6.48
C THR B 181 5.97 -6.00 7.10
N PHE B 182 5.24 -6.68 7.98
CA PHE B 182 5.89 -7.64 8.87
C PHE B 182 6.49 -8.87 8.17
N LEU B 183 5.81 -9.40 7.15
CA LEU B 183 6.34 -10.50 6.33
CA LEU B 183 6.39 -10.51 6.40
C LEU B 183 7.57 -10.02 5.57
N ALA B 184 7.43 -8.86 4.93
CA ALA B 184 8.52 -8.32 4.12
C ALA B 184 9.80 -8.14 4.95
N MET B 185 9.61 -7.71 6.19
CA MET B 185 10.69 -7.51 7.14
C MET B 185 11.46 -8.81 7.40
N SER B 186 10.75 -9.94 7.47
CA SER B 186 11.36 -11.25 7.76
C SER B 186 12.39 -11.72 6.74
N ILE B 187 12.35 -11.13 5.54
CA ILE B 187 13.35 -11.47 4.50
C ILE B 187 14.34 -10.33 4.24
N CYS B 188 14.23 -9.26 5.02
N CYS B 188 14.22 -9.24 4.98
CA CYS B 188 15.18 -8.15 4.99
CA CYS B 188 15.17 -8.14 4.89
C CYS B 188 16.47 -8.61 5.66
C CYS B 188 16.42 -8.54 5.70
N ASP B 189 17.56 -7.91 5.39
CA ASP B 189 18.87 -8.25 6.02
C ASP B 189 18.76 -8.09 7.55
N PRO B 190 19.11 -9.12 8.33
CA PRO B 190 18.92 -8.97 9.80
C PRO B 190 19.57 -7.72 10.47
N HIS B 191 20.60 -7.16 9.85
CA HIS B 191 21.23 -5.92 10.35
C HIS B 191 20.61 -4.69 9.76
N GLY B 192 20.16 -4.81 8.50
CA GLY B 192 19.27 -3.83 7.88
C GLY B 192 18.17 -3.41 8.83
N GLY B 193 17.86 -4.29 9.80
CA GLY B 193 17.10 -3.91 11.00
C GLY B 193 16.14 -4.96 11.52
N MET B 194 16.64 -5.91 12.34
CA MET B 194 15.83 -7.02 12.89
C MET B 194 15.98 -7.40 14.38
N HIS B 195 16.94 -6.84 15.12
CA HIS B 195 17.93 -5.85 14.65
C HIS B 195 19.27 -5.96 15.38
N SER B 196 19.31 -6.32 16.68
CA SER B 196 18.19 -6.82 17.50
C SER B 196 17.22 -5.73 17.95
N LEU B 197 15.92 -6.06 17.93
CA LEU B 197 14.86 -5.09 18.17
C LEU B 197 13.51 -5.77 17.99
N TRP B 198 13.49 -6.76 17.11
CA TRP B 198 12.28 -7.53 16.80
C TRP B 198 12.50 -8.99 17.09
N THR B 199 12.95 -9.30 18.30
CA THR B 199 13.17 -10.69 18.71
C THR B 199 11.82 -11.38 18.96
N ASP B 200 11.50 -12.34 18.07
CA ASP B 200 10.13 -12.81 17.81
C ASP B 200 9.33 -11.73 17.06
N VAL B 201 8.07 -12.04 16.74
CA VAL B 201 7.16 -11.22 15.90
C VAL B 201 7.50 -11.22 14.42
N LEU B 202 8.76 -11.52 14.08
CA LEU B 202 9.15 -11.81 12.71
C LEU B 202 9.13 -13.32 12.52
N ALA B 203 8.71 -13.76 11.34
CA ALA B 203 8.87 -15.13 10.92
C ALA B 203 10.37 -15.41 10.82
N ALA B 204 10.80 -16.61 11.21
CA ALA B 204 12.23 -16.94 11.18
C ALA B 204 12.58 -17.56 9.82
N GLN B 205 13.22 -16.79 8.95
CA GLN B 205 13.41 -17.24 7.56
C GLN B 205 14.81 -17.83 7.37
N VAL B 206 15.04 -18.47 6.23
CA VAL B 206 16.35 -19.07 5.96
C VAL B 206 17.26 -18.06 5.25
N PHE B 207 18.40 -17.74 5.86
CA PHE B 207 19.36 -16.79 5.29
C PHE B 207 20.67 -17.43 4.81
N ALA B 208 20.98 -17.23 3.53
CA ALA B 208 22.31 -17.52 2.98
C ALA B 208 23.24 -16.33 3.18
N PRO B 209 24.57 -16.55 3.18
CA PRO B 209 25.52 -15.43 3.31
C PRO B 209 25.36 -14.39 2.19
N GLN B 210 25.85 -13.17 2.42
CA GLN B 210 25.93 -12.14 1.38
C GLN B 210 26.41 -12.72 0.03
N VAL B 211 25.68 -12.46 -1.05
CA VAL B 211 26.14 -12.87 -2.39
C VAL B 211 27.29 -11.96 -2.83
N PRO B 212 28.41 -12.54 -3.30
CA PRO B 212 29.53 -11.64 -3.64
C PRO B 212 29.33 -10.90 -4.97
N ARG B 213 30.15 -9.88 -5.22
CA ARG B 213 30.15 -9.18 -6.49
C ARG B 213 30.53 -10.09 -7.65
N ASP B 214 31.73 -10.66 -7.56
CA ASP B 214 32.29 -11.50 -8.63
C ASP B 214 31.76 -12.93 -8.54
N TYR B 215 31.67 -13.59 -9.67
CA TYR B 215 31.06 -14.92 -9.70
C TYR B 215 31.97 -16.03 -9.18
N ASP B 216 31.46 -16.77 -8.21
CA ASP B 216 32.17 -17.86 -7.61
C ASP B 216 31.22 -19.05 -7.51
N PRO B 217 31.48 -20.11 -8.30
CA PRO B 217 30.66 -21.32 -8.27
C PRO B 217 30.56 -21.93 -6.88
N ALA B 218 31.55 -21.67 -6.03
CA ALA B 218 31.51 -22.18 -4.65
C ALA B 218 30.39 -21.54 -3.84
N TYR B 219 30.14 -20.25 -4.07
CA TYR B 219 28.98 -19.59 -3.45
C TYR B 219 27.66 -20.32 -3.79
N SER B 220 27.42 -20.58 -5.08
CA SER B 220 26.18 -21.20 -5.51
C SER B 220 26.05 -22.63 -5.03
N ALA B 221 27.19 -23.31 -4.87
CA ALA B 221 27.20 -24.69 -4.37
C ALA B 221 26.82 -24.73 -2.89
N ALA B 222 27.36 -23.80 -2.11
CA ALA B 222 27.01 -23.68 -0.69
C ALA B 222 25.55 -23.28 -0.53
N PHE B 223 25.08 -22.36 -1.39
CA PHE B 223 23.65 -21.98 -1.40
C PHE B 223 22.77 -23.22 -1.56
N GLU B 224 23.11 -24.06 -2.53
CA GLU B 224 22.32 -25.22 -2.90
C GLU B 224 22.29 -26.24 -1.78
N ALA B 225 23.45 -26.49 -1.17
CA ALA B 225 23.55 -27.41 -0.03
C ALA B 225 22.69 -26.92 1.14
N GLN B 226 22.75 -25.62 1.45
CA GLN B 226 21.88 -25.03 2.48
C GLN B 226 20.39 -25.13 2.11
N LEU B 227 20.04 -24.83 0.87
CA LEU B 227 18.66 -24.95 0.42
C LEU B 227 18.18 -26.41 0.50
N ALA B 228 19.07 -27.33 0.12
CA ALA B 228 18.76 -28.75 0.00
C ALA B 228 18.22 -29.29 1.28
N GLN B 229 18.83 -28.90 2.39
CA GLN B 229 18.41 -29.47 3.66
C GLN B 229 17.12 -28.85 4.19
N HIS B 230 16.76 -27.65 3.72
CA HIS B 230 15.49 -26.99 4.07
C HIS B 230 14.39 -27.19 3.06
N ALA B 231 14.66 -27.90 1.96
CA ALA B 231 13.77 -27.87 0.79
C ALA B 231 12.33 -28.24 1.09
N GLY B 232 12.15 -29.24 1.95
CA GLY B 232 10.83 -29.72 2.37
C GLY B 232 10.01 -28.73 3.20
N GLU B 233 10.65 -27.68 3.73
CA GLU B 233 9.93 -26.61 4.43
C GLU B 233 10.05 -25.23 3.72
N LEU B 234 10.61 -25.21 2.51
CA LEU B 234 10.75 -23.95 1.78
C LEU B 234 9.70 -23.80 0.69
N ALA B 235 9.01 -22.67 0.70
CA ALA B 235 8.08 -22.34 -0.38
C ALA B 235 8.84 -21.72 -1.56
N ALA B 236 9.78 -20.83 -1.25
CA ALA B 236 10.37 -20.00 -2.27
C ALA B 236 11.69 -19.41 -1.84
N VAL B 237 12.49 -19.06 -2.82
CA VAL B 237 13.66 -18.20 -2.67
C VAL B 237 13.23 -16.85 -3.20
N VAL B 238 13.50 -15.78 -2.47
CA VAL B 238 13.17 -14.42 -2.88
C VAL B 238 14.43 -13.59 -2.90
N VAL B 239 14.74 -12.96 -4.02
CA VAL B 239 15.90 -12.03 -4.10
C VAL B 239 15.66 -10.77 -4.93
N GLU B 240 16.51 -9.75 -4.73
CA GLU B 240 16.67 -8.70 -5.73
C GLU B 240 17.71 -9.19 -6.76
N PRO B 241 17.35 -9.22 -8.05
CA PRO B 241 18.31 -9.71 -9.05
C PRO B 241 19.32 -8.63 -9.50
N VAL B 242 20.60 -8.98 -9.49
CA VAL B 242 21.72 -8.15 -9.99
C VAL B 242 22.11 -7.00 -9.06
N VAL B 243 21.14 -6.19 -8.64
CA VAL B 243 21.36 -5.06 -7.72
C VAL B 243 20.50 -5.21 -6.46
N GLN B 244 21.12 -5.08 -5.30
CA GLN B 244 20.43 -5.00 -4.01
C GLN B 244 20.45 -3.54 -3.67
N GLY B 245 19.28 -2.95 -3.47
CA GLY B 245 19.22 -1.50 -3.37
C GLY B 245 19.39 -0.93 -1.99
N ALA B 246 18.29 -0.89 -1.25
CA ALA B 246 18.23 -0.14 0.00
C ALA B 246 19.02 -0.84 1.11
N GLY B 247 19.34 -2.12 0.90
CA GLY B 247 20.16 -2.88 1.87
C GLY B 247 21.66 -2.67 1.70
N GLY B 248 22.06 -1.83 0.75
CA GLY B 248 23.46 -1.41 0.63
C GLY B 248 24.01 -1.24 -0.79
N MET B 249 23.14 -1.09 -1.79
CA MET B 249 23.57 -0.76 -3.14
C MET B 249 24.71 -1.72 -3.63
N ARG B 250 24.50 -3.02 -3.45
CA ARG B 250 25.50 -4.01 -3.87
C ARG B 250 25.12 -4.62 -5.21
N PHE B 251 26.13 -4.93 -6.02
CA PHE B 251 25.92 -5.54 -7.33
C PHE B 251 26.48 -6.94 -7.31
N HIS B 252 25.79 -7.87 -7.95
CA HIS B 252 26.33 -9.22 -8.08
C HIS B 252 26.22 -9.73 -9.48
N ASP B 253 27.04 -10.73 -9.80
CA ASP B 253 27.11 -11.26 -11.15
C ASP B 253 25.80 -11.96 -11.53
N PRO B 254 25.21 -11.61 -12.70
CA PRO B 254 23.92 -12.18 -13.08
C PRO B 254 23.94 -13.70 -13.10
N ARG B 255 25.12 -14.29 -13.29
CA ARG B 255 25.25 -15.75 -13.34
C ARG B 255 24.64 -16.42 -12.10
N TYR B 256 24.74 -15.77 -10.95
CA TYR B 256 24.11 -16.28 -9.72
C TYR B 256 22.62 -16.56 -9.85
N LEU B 257 21.94 -15.70 -10.62
CA LEU B 257 20.49 -15.83 -10.86
C LEU B 257 20.18 -17.08 -11.67
N HIS B 258 21.07 -17.40 -12.62
CA HIS B 258 20.97 -18.61 -13.41
C HIS B 258 21.12 -19.81 -12.50
N ASP B 259 22.09 -19.80 -11.60
CA ASP B 259 22.19 -20.86 -10.59
C ASP B 259 20.96 -21.03 -9.67
N LEU B 260 20.44 -19.91 -9.13
CA LEU B 260 19.17 -19.93 -8.36
C LEU B 260 18.04 -20.60 -9.14
N ARG B 261 17.85 -20.22 -10.39
CA ARG B 261 16.80 -20.81 -11.22
C ARG B 261 16.98 -22.33 -11.30
N ASP B 262 18.24 -22.72 -11.50
CA ASP B 262 18.63 -24.12 -11.61
C ASP B 262 18.39 -24.89 -10.30
N ILE B 263 18.95 -24.36 -9.20
CA ILE B 263 18.74 -24.92 -7.87
C ILE B 263 17.26 -25.08 -7.56
N CYS B 264 16.50 -24.00 -7.79
CA CYS B 264 15.07 -23.98 -7.49
C CYS B 264 14.30 -24.99 -8.30
N ARG B 265 14.59 -25.10 -9.60
CA ARG B 265 13.99 -26.13 -10.43
C ARG B 265 14.28 -27.52 -9.85
N ARG B 266 15.55 -27.80 -9.57
CA ARG B 266 15.97 -29.15 -9.14
C ARG B 266 15.44 -29.56 -7.77
N TYR B 267 15.37 -28.61 -6.84
CA TYR B 267 14.88 -28.90 -5.50
C TYR B 267 13.39 -28.58 -5.27
N GLU B 268 12.73 -28.09 -6.32
CA GLU B 268 11.29 -27.84 -6.25
C GLU B 268 10.96 -26.78 -5.19
N VAL B 269 11.54 -25.61 -5.39
CA VAL B 269 11.30 -24.44 -4.56
C VAL B 269 11.03 -23.34 -5.59
N LEU B 270 9.99 -22.54 -5.38
CA LEU B 270 9.70 -21.43 -6.30
C LEU B 270 10.76 -20.32 -6.23
N LEU B 271 10.92 -19.62 -7.34
CA LEU B 271 11.82 -18.47 -7.38
C LEU B 271 11.08 -17.15 -7.55
N ILE B 272 11.29 -16.24 -6.61
CA ILE B 272 10.67 -14.93 -6.67
C ILE B 272 11.75 -13.87 -6.93
N PHE B 273 11.62 -13.09 -8.00
CA PHE B 273 12.53 -11.96 -8.16
C PHE B 273 11.79 -10.70 -7.76
N ASP B 274 12.40 -9.92 -6.87
CA ASP B 274 11.83 -8.65 -6.49
C ASP B 274 12.50 -7.58 -7.34
N GLU B 275 11.81 -7.13 -8.41
CA GLU B 275 12.35 -6.11 -9.33
C GLU B 275 11.72 -4.73 -9.15
N ILE B 276 11.23 -4.44 -7.94
CA ILE B 276 10.64 -3.15 -7.59
C ILE B 276 11.62 -2.00 -7.84
N ALA B 277 12.91 -2.21 -7.53
CA ALA B 277 13.96 -1.20 -7.77
C ALA B 277 14.70 -1.38 -9.10
N THR B 278 14.92 -2.63 -9.48
CA THR B 278 15.70 -2.95 -10.69
C THR B 278 14.90 -2.82 -12.00
N GLY B 279 13.58 -2.77 -11.92
CA GLY B 279 12.74 -2.80 -13.13
C GLY B 279 12.87 -1.63 -14.09
N PHE B 280 12.28 -1.78 -15.27
CA PHE B 280 12.10 -0.70 -16.26
C PHE B 280 13.38 0.00 -16.73
N GLY B 281 14.39 -0.80 -17.03
CA GLY B 281 15.58 -0.30 -17.71
C GLY B 281 16.76 0.15 -16.85
N ARG B 282 16.51 0.30 -15.56
CA ARG B 282 17.49 0.86 -14.62
C ARG B 282 18.91 0.22 -14.66
N THR B 283 18.99 -1.09 -14.78
CA THR B 283 20.30 -1.78 -14.68
C THR B 283 20.91 -2.08 -16.04
N GLY B 284 20.32 -1.54 -17.10
CA GLY B 284 20.83 -1.75 -18.46
C GLY B 284 20.09 -2.79 -19.27
N ALA B 285 19.26 -3.60 -18.61
CA ALA B 285 18.36 -4.51 -19.31
C ALA B 285 16.97 -4.08 -18.85
N LEU B 286 15.92 -4.54 -19.51
CA LEU B 286 14.56 -4.03 -19.24
C LEU B 286 14.16 -4.42 -17.82
N PHE B 287 14.44 -5.67 -17.49
CA PHE B 287 14.41 -6.15 -16.13
C PHE B 287 15.73 -6.85 -15.91
N ALA B 288 16.26 -6.74 -14.71
CA ALA B 288 17.59 -7.25 -14.40
C ALA B 288 17.71 -8.75 -14.62
N ALA B 289 16.59 -9.46 -14.56
CA ALA B 289 16.58 -10.88 -14.82
C ALA B 289 17.09 -11.17 -16.24
N ASP B 290 16.84 -10.23 -17.14
CA ASP B 290 17.23 -10.38 -18.54
C ASP B 290 18.74 -10.48 -18.69
N HIS B 291 19.50 -9.87 -17.78
CA HIS B 291 20.97 -10.00 -17.82
C HIS B 291 21.37 -11.45 -17.71
N ALA B 292 20.64 -12.22 -16.90
CA ALA B 292 20.93 -13.63 -16.71
C ALA B 292 20.19 -14.52 -17.71
N GLY B 293 19.19 -13.96 -18.39
CA GLY B 293 18.37 -14.73 -19.34
C GLY B 293 17.52 -15.78 -18.64
N VAL B 294 17.09 -15.47 -17.42
CA VAL B 294 16.29 -16.40 -16.64
C VAL B 294 14.91 -15.83 -16.30
N SER B 295 13.91 -16.69 -16.13
CA SER B 295 12.59 -16.29 -15.63
C SER B 295 12.34 -16.81 -14.24
N PRO B 296 11.88 -15.94 -13.32
CA PRO B 296 11.40 -16.43 -12.02
C PRO B 296 9.96 -16.97 -12.16
N ASP B 297 9.48 -17.64 -11.11
CA ASP B 297 8.10 -18.12 -11.07
C ASP B 297 7.10 -17.01 -10.73
N ILE B 298 7.55 -16.06 -9.90
CA ILE B 298 6.76 -14.94 -9.39
C ILE B 298 7.66 -13.71 -9.47
N MET B 299 7.10 -12.55 -9.77
CA MET B 299 7.90 -11.32 -9.91
C MET B 299 7.17 -10.11 -9.33
N CYS B 300 7.91 -9.21 -8.67
CA CYS B 300 7.35 -7.97 -8.16
C CYS B 300 7.92 -6.78 -8.90
N VAL B 301 7.03 -5.85 -9.27
CA VAL B 301 7.42 -4.56 -9.88
C VAL B 301 6.70 -3.41 -9.14
N GLY B 302 7.25 -2.21 -9.24
CA GLY B 302 6.72 -1.05 -8.53
C GLY B 302 7.59 0.15 -8.87
N LYS B 303 7.64 1.10 -7.94
CA LYS B 303 8.44 2.33 -8.08
C LYS B 303 8.33 3.00 -9.46
N ALA B 304 9.25 2.67 -10.36
CA ALA B 304 9.30 3.29 -11.69
C ALA B 304 8.09 2.97 -12.54
N LEU B 305 7.38 1.89 -12.19
CA LEU B 305 6.14 1.48 -12.86
C LEU B 305 5.21 2.63 -13.27
N THR B 306 4.96 3.57 -12.34
CA THR B 306 4.04 4.70 -12.53
C THR B 306 4.79 5.95 -12.98
N GLY B 307 6.09 5.81 -13.27
CA GLY B 307 6.95 6.98 -13.54
C GLY B 307 7.14 7.86 -12.33
N GLY B 308 6.85 7.30 -11.16
CA GLY B 308 7.04 8.01 -9.91
C GLY B 308 5.95 9.01 -9.57
N TYR B 309 4.80 8.88 -10.23
CA TYR B 309 3.68 9.81 -10.04
C TYR B 309 2.85 9.45 -8.83
N LEU B 310 2.58 8.15 -8.68
CA LEU B 310 1.63 7.61 -7.70
C LEU B 310 2.14 6.26 -7.25
N SER B 311 1.62 5.78 -6.12
CA SER B 311 1.99 4.45 -5.64
C SER B 311 1.17 3.38 -6.33
N LEU B 312 1.86 2.43 -6.96
CA LEU B 312 1.26 1.24 -7.54
C LEU B 312 2.33 0.17 -7.64
N ALA B 313 1.91 -1.08 -7.56
CA ALA B 313 2.81 -2.21 -7.72
C ALA B 313 2.04 -3.36 -8.36
N ALA B 314 2.77 -4.39 -8.79
CA ALA B 314 2.14 -5.57 -9.37
C ALA B 314 2.95 -6.80 -9.02
N THR B 315 2.26 -7.93 -8.90
CA THR B 315 2.92 -9.20 -8.71
C THR B 315 2.45 -10.09 -9.87
N LEU B 316 3.40 -10.57 -10.65
CA LEU B 316 3.15 -11.45 -11.79
C LEU B 316 3.53 -12.87 -11.44
N CYS B 317 2.75 -13.83 -11.91
CA CYS B 317 3.14 -15.21 -11.71
C CYS B 317 2.83 -16.04 -12.96
N THR B 318 3.48 -17.19 -13.06
CA THR B 318 3.30 -18.09 -14.19
C THR B 318 1.88 -18.65 -14.22
N ALA B 319 1.49 -19.19 -15.38
CA ALA B 319 0.21 -19.87 -15.55
C ALA B 319 0.09 -21.08 -14.62
N ASP B 320 1.19 -21.80 -14.44
CA ASP B 320 1.22 -22.93 -13.52
C ASP B 320 0.89 -22.51 -12.08
N VAL B 321 1.52 -21.42 -11.63
CA VAL B 321 1.29 -20.94 -10.25
C VAL B 321 -0.18 -20.51 -10.14
N ALA B 322 -0.63 -19.69 -11.09
CA ALA B 322 -2.02 -19.23 -11.13
C ALA B 322 -3.04 -20.37 -11.10
N HIS B 323 -2.81 -21.42 -11.88
N HIS B 323 -2.81 -21.41 -11.91
CA HIS B 323 -3.75 -22.53 -11.96
CA HIS B 323 -3.70 -22.57 -11.99
C HIS B 323 -3.69 -23.51 -10.81
C HIS B 323 -3.74 -23.34 -10.70
N THR B 324 -2.56 -23.57 -10.12
CA THR B 324 -2.44 -24.41 -8.92
C THR B 324 -3.16 -23.77 -7.71
N ILE B 325 -2.93 -22.47 -7.52
CA ILE B 325 -3.70 -21.68 -6.57
C ILE B 325 -5.20 -21.89 -6.83
N SER B 326 -5.65 -21.61 -8.06
CA SER B 326 -7.08 -21.58 -8.38
C SER B 326 -7.79 -22.93 -8.23
N ALA B 327 -7.03 -24.02 -8.32
CA ALA B 327 -7.57 -25.38 -8.25
C ALA B 327 -7.42 -25.99 -6.85
N GLY B 328 -6.78 -25.24 -5.96
CA GLY B 328 -6.59 -25.65 -4.58
C GLY B 328 -7.83 -25.41 -3.73
N ALA B 329 -7.75 -25.84 -2.47
CA ALA B 329 -8.90 -25.87 -1.55
C ALA B 329 -9.57 -24.51 -1.38
N ALA B 330 -8.77 -23.46 -1.30
CA ALA B 330 -9.29 -22.11 -1.13
C ALA B 330 -10.06 -21.66 -2.36
N GLY B 331 -9.61 -22.13 -3.52
CA GLY B 331 -10.25 -21.77 -4.81
C GLY B 331 -9.86 -20.41 -5.37
N ALA B 332 -9.00 -19.68 -4.67
CA ALA B 332 -8.69 -18.29 -5.03
C ALA B 332 -7.50 -17.77 -4.27
N LEU B 333 -6.80 -16.79 -4.84
CA LEU B 333 -5.81 -16.01 -4.10
C LEU B 333 -6.54 -15.09 -3.13
N MET B 334 -6.25 -15.30 -1.83
CA MET B 334 -7.02 -14.62 -0.77
C MET B 334 -6.38 -13.28 -0.42
N HIS B 335 -6.53 -12.34 -1.34
CA HIS B 335 -5.99 -10.99 -1.25
C HIS B 335 -6.78 -10.07 -2.17
N GLY B 336 -6.87 -8.79 -1.82
CA GLY B 336 -7.64 -7.84 -2.62
C GLY B 336 -7.78 -6.47 -1.95
N PRO B 337 -6.79 -5.58 -2.18
CA PRO B 337 -6.84 -4.23 -1.62
C PRO B 337 -8.04 -3.43 -2.19
N THR B 338 -8.60 -2.54 -1.38
CA THR B 338 -9.69 -1.65 -1.77
C THR B 338 -9.41 -0.97 -3.10
N PHE B 339 -8.25 -0.32 -3.22
CA PHE B 339 -7.94 0.43 -4.42
C PHE B 339 -7.29 -0.38 -5.54
N MET B 340 -7.43 -1.71 -5.50
CA MET B 340 -6.77 -2.60 -6.47
C MET B 340 -7.01 -2.16 -7.92
N ALA B 341 -5.93 -2.00 -8.68
CA ALA B 341 -6.01 -1.73 -10.12
C ALA B 341 -6.58 -0.32 -10.39
N ASN B 342 -6.38 0.60 -9.45
CA ASN B 342 -6.80 2.00 -9.61
C ASN B 342 -6.60 2.55 -11.04
N PRO B 343 -7.70 3.04 -11.67
CA PRO B 343 -7.60 3.57 -13.05
C PRO B 343 -6.56 4.67 -13.22
N LEU B 344 -6.50 5.64 -12.31
CA LEU B 344 -5.51 6.74 -12.43
C LEU B 344 -4.04 6.25 -12.41
N ALA B 345 -3.72 5.42 -11.41
CA ALA B 345 -2.38 4.80 -11.35
C ALA B 345 -2.07 3.94 -12.60
N CYS B 346 -3.02 3.11 -13.01
CA CYS B 346 -2.80 2.24 -14.15
C CYS B 346 -2.60 3.01 -15.46
N ALA B 347 -3.25 4.17 -15.58
CA ALA B 347 -3.20 4.99 -16.81
C ALA B 347 -1.88 5.69 -16.97
N VAL B 348 -1.39 6.30 -15.90
CA VAL B 348 -0.10 6.97 -15.92
C VAL B 348 1.02 5.93 -16.08
N SER B 349 0.84 4.73 -15.50
CA SER B 349 1.80 3.63 -15.69
C SER B 349 1.86 3.20 -17.15
N VAL B 350 0.69 2.97 -17.78
CA VAL B 350 0.63 2.56 -19.19
C VAL B 350 1.47 3.52 -20.03
N ALA B 351 1.25 4.82 -19.78
CA ALA B 351 1.94 5.88 -20.52
C ALA B 351 3.43 5.93 -20.20
N SER B 352 3.80 5.73 -18.93
CA SER B 352 5.20 5.68 -18.55
C SER B 352 5.93 4.51 -19.24
N VAL B 353 5.28 3.36 -19.26
CA VAL B 353 5.84 2.18 -19.89
C VAL B 353 5.99 2.39 -21.41
N GLU B 354 4.94 2.87 -22.10
CA GLU B 354 5.01 3.10 -23.55
C GLU B 354 6.12 4.10 -23.94
N LEU B 355 6.31 5.10 -23.10
CA LEU B 355 7.33 6.13 -23.32
C LEU B 355 8.74 5.60 -23.27
N LEU B 356 8.96 4.66 -22.34
CA LEU B 356 10.25 3.99 -22.22
C LEU B 356 10.50 3.16 -23.48
N LEU B 357 9.51 2.36 -23.84
CA LEU B 357 9.58 1.41 -24.94
C LEU B 357 9.61 2.10 -26.31
N GLY B 358 9.03 3.28 -26.42
CA GLY B 358 8.93 4.01 -27.69
C GLY B 358 10.20 4.75 -28.08
N GLN B 359 11.19 4.74 -27.20
CA GLN B 359 12.49 5.33 -27.49
C GLN B 359 13.56 4.23 -27.43
N ASP B 360 14.79 4.60 -27.80
CA ASP B 360 15.96 3.71 -27.70
C ASP B 360 16.51 3.78 -26.27
N TRP B 361 15.79 3.12 -25.36
CA TRP B 361 16.11 3.17 -23.93
C TRP B 361 17.43 2.53 -23.60
N ARG B 362 17.81 1.49 -24.35
CA ARG B 362 19.09 0.79 -24.13
C ARG B 362 20.28 1.74 -24.34
N THR B 363 20.27 2.49 -25.44
CA THR B 363 21.27 3.51 -25.69
C THR B 363 21.27 4.58 -24.59
N ARG B 364 20.09 5.01 -24.15
CA ARG B 364 20.03 6.04 -23.12
C ARG B 364 20.77 5.59 -21.85
N ILE B 365 20.44 4.39 -21.39
CA ILE B 365 21.06 3.83 -20.17
C ILE B 365 22.58 3.65 -20.33
N THR B 366 23.00 3.14 -21.48
CA THR B 366 24.44 2.97 -21.76
C THR B 366 25.16 4.31 -21.62
N GLU B 367 24.64 5.37 -22.24
CA GLU B 367 25.22 6.70 -22.10
C GLU B 367 25.29 7.17 -20.65
N LEU B 368 24.20 6.93 -19.91
CA LEU B 368 24.11 7.29 -18.49
C LEU B 368 25.18 6.59 -17.68
N ALA B 369 25.28 5.26 -17.86
CA ALA B 369 26.34 4.47 -17.24
C ALA B 369 27.74 5.03 -17.55
N ALA B 370 27.99 5.37 -18.81
CA ALA B 370 29.27 5.95 -19.25
C ALA B 370 29.51 7.29 -18.60
N GLY B 371 28.48 8.12 -18.55
CA GLY B 371 28.55 9.39 -17.86
C GLY B 371 28.88 9.24 -16.38
N LEU B 372 28.26 8.25 -15.72
CA LEU B 372 28.47 8.02 -14.29
C LEU B 372 29.91 7.54 -14.06
N THR B 373 30.31 6.51 -14.81
CA THR B 373 31.67 5.96 -14.78
C THR B 373 32.74 7.06 -14.94
N ALA B 374 32.61 7.88 -15.99
CA ALA B 374 33.56 8.97 -16.21
C ALA B 374 33.58 9.96 -15.04
N GLY B 375 32.39 10.40 -14.59
CA GLY B 375 32.33 11.43 -13.54
C GLY B 375 32.82 10.99 -12.17
N LEU B 376 32.55 9.74 -11.81
CA LEU B 376 32.85 9.24 -10.48
C LEU B 376 34.28 8.70 -10.39
N ASP B 377 34.94 8.60 -11.53
CA ASP B 377 36.28 8.00 -11.64
C ASP B 377 37.30 8.50 -10.61
N THR B 378 37.46 9.83 -10.50
CA THR B 378 38.48 10.38 -9.60
C THR B 378 38.20 10.10 -8.12
N ALA B 379 37.01 9.58 -7.83
CA ALA B 379 36.61 9.31 -6.46
C ALA B 379 37.35 8.13 -5.83
N ARG B 380 37.85 7.21 -6.66
CA ARG B 380 38.56 6.02 -6.15
C ARG B 380 39.97 6.33 -5.64
N ALA B 381 40.56 7.41 -6.17
CA ALA B 381 41.85 7.90 -5.69
C ALA B 381 41.72 8.75 -4.41
N LEU B 382 40.54 8.76 -3.80
CA LEU B 382 40.28 9.49 -2.55
C LEU B 382 40.52 8.62 -1.30
N PRO B 383 41.03 9.22 -0.21
CA PRO B 383 41.42 8.50 1.02
C PRO B 383 40.33 7.68 1.71
N ALA B 384 39.09 8.14 1.66
CA ALA B 384 38.05 7.51 2.45
C ALA B 384 37.23 6.50 1.65
N VAL B 385 37.56 6.36 0.37
CA VAL B 385 36.76 5.61 -0.59
C VAL B 385 37.28 4.18 -0.85
N THR B 386 36.42 3.19 -0.61
CA THR B 386 36.81 1.79 -0.77
C THR B 386 36.33 1.16 -2.10
N ASP B 387 35.25 1.70 -2.67
CA ASP B 387 34.78 1.24 -3.97
C ASP B 387 34.06 2.33 -4.75
N VAL B 388 34.19 2.27 -6.06
CA VAL B 388 33.38 3.06 -6.98
C VAL B 388 32.81 2.07 -7.98
N ARG B 389 31.48 2.00 -8.06
CA ARG B 389 30.81 1.04 -8.92
C ARG B 389 29.60 1.63 -9.67
N VAL B 390 29.43 1.19 -10.92
CA VAL B 390 28.37 1.66 -11.77
C VAL B 390 27.70 0.44 -12.41
N CYS B 391 26.37 0.45 -12.50
CA CYS B 391 25.64 -0.61 -13.18
C CYS B 391 24.41 0.04 -13.80
N GLY B 392 24.42 0.16 -15.13
CA GLY B 392 23.35 0.90 -15.78
C GLY B 392 23.30 2.30 -15.23
N ALA B 393 22.07 2.80 -15.01
CA ALA B 393 21.87 4.17 -14.54
C ALA B 393 21.91 4.27 -13.00
N ILE B 394 22.96 3.68 -12.43
CA ILE B 394 23.19 3.59 -10.98
C ILE B 394 24.67 3.84 -10.70
N GLY B 395 24.97 4.81 -9.86
CA GLY B 395 26.37 5.08 -9.50
C GLY B 395 26.52 5.09 -8.00
N VAL B 396 27.55 4.38 -7.50
CA VAL B 396 27.80 4.28 -6.05
C VAL B 396 29.26 4.60 -5.68
N ILE B 397 29.43 5.46 -4.67
CA ILE B 397 30.72 5.66 -4.00
C ILE B 397 30.62 5.08 -2.59
N GLU B 398 31.38 4.02 -2.34
CA GLU B 398 31.43 3.45 -0.99
C GLU B 398 32.65 3.96 -0.24
N CYS B 399 32.40 4.53 0.95
CA CYS B 399 33.44 5.03 1.84
C CYS B 399 33.77 4.06 2.97
N ASP B 400 34.85 4.36 3.68
CA ASP B 400 35.34 3.53 4.78
C ASP B 400 34.80 3.97 6.14
N ARG B 401 33.79 4.84 6.13
CA ARG B 401 33.12 5.28 7.37
C ARG B 401 31.73 5.82 7.05
N PRO B 402 30.90 6.08 8.08
CA PRO B 402 29.60 6.67 7.78
C PRO B 402 29.74 8.06 7.17
N VAL B 403 28.83 8.41 6.28
CA VAL B 403 28.79 9.74 5.67
C VAL B 403 27.96 10.63 6.58
N ASP B 404 28.55 11.73 7.04
CA ASP B 404 27.85 12.66 7.91
C ASP B 404 26.85 13.52 7.14
N LEU B 405 25.56 13.20 7.29
CA LEU B 405 24.47 13.92 6.62
C LEU B 405 24.43 15.44 6.81
N ALA B 406 24.82 15.92 8.00
CA ALA B 406 24.83 17.36 8.28
C ALA B 406 26.01 18.06 7.59
N VAL B 407 26.98 17.28 7.12
CA VAL B 407 28.09 17.78 6.29
C VAL B 407 27.77 17.56 4.79
N ALA B 408 27.27 16.38 4.47
CA ALA B 408 27.02 15.97 3.08
C ALA B 408 25.93 16.78 2.38
N THR B 409 24.78 16.96 3.06
CA THR B 409 23.63 17.66 2.49
C THR B 409 23.95 19.11 2.05
N PRO B 410 24.45 19.97 2.98
CA PRO B 410 24.99 21.28 2.63
C PRO B 410 25.88 21.32 1.38
N ALA B 411 26.87 20.43 1.32
CA ALA B 411 27.82 20.37 0.21
C ALA B 411 27.16 20.13 -1.16
N ALA B 412 26.20 19.21 -1.18
CA ALA B 412 25.52 18.86 -2.41
C ALA B 412 24.52 19.93 -2.84
N LEU B 413 23.80 20.50 -1.85
CA LEU B 413 22.86 21.60 -2.14
C LEU B 413 23.57 22.79 -2.79
N ASP B 414 24.72 23.17 -2.22
CA ASP B 414 25.59 24.19 -2.79
C ASP B 414 25.96 23.93 -4.24
N ARG B 415 25.99 22.66 -4.63
CA ARG B 415 26.35 22.29 -6.00
C ARG B 415 25.14 22.06 -6.91
N GLY B 416 23.95 22.39 -6.40
CA GLY B 416 22.71 22.24 -7.15
C GLY B 416 22.25 20.80 -7.27
N VAL B 417 22.52 20.00 -6.24
CA VAL B 417 22.19 18.58 -6.25
C VAL B 417 21.53 18.12 -4.95
N TRP B 418 20.41 17.43 -5.08
CA TRP B 418 19.82 16.70 -3.96
C TRP B 418 20.37 15.30 -3.93
N LEU B 419 21.14 15.01 -2.88
CA LEU B 419 21.65 13.66 -2.61
C LEU B 419 21.17 13.19 -1.25
N ARG B 420 21.06 11.88 -1.09
CA ARG B 420 20.75 11.32 0.22
C ARG B 420 21.60 10.09 0.57
N PRO B 421 22.80 10.32 1.14
CA PRO B 421 23.59 9.18 1.58
C PRO B 421 22.92 8.40 2.70
N PHE B 422 23.24 7.11 2.82
CA PHE B 422 22.91 6.35 4.02
C PHE B 422 24.10 5.44 4.30
N ARG B 423 24.37 5.21 5.58
CA ARG B 423 25.58 4.50 6.01
C ARG B 423 26.81 5.13 5.37
N ASN B 424 27.60 4.31 4.69
CA ASN B 424 28.85 4.75 4.09
C ASN B 424 28.76 4.97 2.56
N LEU B 425 27.54 5.21 2.09
CA LEU B 425 27.27 5.21 0.66
C LEU B 425 26.79 6.55 0.18
N VAL B 426 27.56 7.16 -0.71
CA VAL B 426 27.10 8.28 -1.53
C VAL B 426 26.69 7.64 -2.84
N TYR B 427 25.46 7.88 -3.30
CA TYR B 427 24.97 7.18 -4.48
C TYR B 427 23.86 7.89 -5.24
N ALA B 428 23.63 7.48 -6.49
CA ALA B 428 22.59 8.09 -7.34
C ALA B 428 21.93 7.12 -8.34
N MET B 429 20.66 7.38 -8.62
CA MET B 429 19.89 6.71 -9.64
C MET B 429 19.16 7.82 -10.39
N PRO B 430 19.85 8.53 -11.28
CA PRO B 430 19.28 9.76 -11.85
C PRO B 430 18.22 9.50 -12.90
N PRO B 431 17.32 10.50 -13.14
CA PRO B 431 16.30 10.34 -14.18
C PRO B 431 16.92 9.97 -15.54
N TYR B 432 16.20 9.20 -16.35
CA TYR B 432 16.74 8.77 -17.64
C TYR B 432 16.97 9.98 -18.56
N ILE B 433 16.31 11.09 -18.25
CA ILE B 433 16.28 12.29 -19.11
C ILE B 433 17.39 13.27 -18.77
N CYS B 434 18.30 12.90 -17.87
CA CYS B 434 19.39 13.79 -17.51
C CYS B 434 20.35 13.94 -18.68
N THR B 435 20.76 15.18 -18.94
CA THR B 435 21.75 15.51 -19.95
C THR B 435 23.19 15.22 -19.45
N PRO B 436 24.17 15.10 -20.38
CA PRO B 436 25.57 14.94 -19.99
C PRO B 436 26.04 16.01 -19.00
N ALA B 437 25.59 17.24 -19.19
CA ALA B 437 25.86 18.34 -18.25
C ALA B 437 25.30 18.04 -16.85
N GLU B 438 24.13 17.42 -16.80
CA GLU B 438 23.48 17.11 -15.53
C GLU B 438 24.15 15.93 -14.80
N ILE B 439 24.54 14.89 -15.54
CA ILE B 439 25.30 13.77 -14.96
C ILE B 439 26.64 14.28 -14.42
N THR B 440 27.34 15.07 -15.21
CA THR B 440 28.55 15.76 -14.75
C THR B 440 28.34 16.51 -13.42
N GLN B 441 27.22 17.22 -13.31
CA GLN B 441 26.91 18.00 -12.11
C GLN B 441 26.57 17.08 -10.93
N ILE B 442 25.83 16.00 -11.19
CA ILE B 442 25.56 15.00 -10.13
C ILE B 442 26.83 14.31 -9.62
N THR B 443 27.64 13.77 -10.53
CA THR B 443 28.89 13.11 -10.18
C THR B 443 29.89 14.03 -9.46
N SER B 444 29.92 15.29 -9.83
CA SER B 444 30.83 16.25 -9.22
C SER B 444 30.46 16.51 -7.76
N ALA B 445 29.16 16.62 -7.46
CA ALA B 445 28.71 16.76 -6.07
C ALA B 445 28.96 15.51 -5.25
N MET B 446 28.83 14.33 -5.88
CA MET B 446 29.13 13.05 -5.24
C MET B 446 30.62 12.94 -4.94
N VAL B 447 31.47 13.27 -5.92
CA VAL B 447 32.91 13.24 -5.71
C VAL B 447 33.28 14.13 -4.53
N GLU B 448 32.63 15.29 -4.43
CA GLU B 448 32.84 16.24 -3.33
C GLU B 448 32.36 15.79 -1.97
N VAL B 449 31.21 15.13 -1.93
CA VAL B 449 30.71 14.55 -0.69
C VAL B 449 31.73 13.54 -0.14
N ALA B 450 32.33 12.77 -1.04
CA ALA B 450 33.33 11.76 -0.69
C ALA B 450 34.63 12.38 -0.18
N ARG B 451 35.07 13.49 -0.81
CA ARG B 451 36.28 14.20 -0.40
C ARG B 451 36.16 14.75 1.02
N LEU B 452 35.02 15.36 1.34
CA LEU B 452 34.77 15.86 2.70
C LEU B 452 34.65 14.75 3.76
N VAL B 453 34.37 13.52 3.32
CA VAL B 453 34.33 12.36 4.21
C VAL B 453 35.76 12.05 4.65
N GLY B 454 36.69 12.17 3.70
CA GLY B 454 38.13 12.03 3.95
C GLY B 454 38.65 13.00 5.00
N SER B 455 37.94 14.11 5.18
CA SER B 455 38.26 15.08 6.22
C SER B 455 37.23 15.12 7.33
#